data_3ONE
#
_entry.id   3ONE
#
_cell.length_a   122.024
_cell.length_b   122.024
_cell.length_c   126.435
_cell.angle_alpha   90.00
_cell.angle_beta   90.00
_cell.angle_gamma   90.00
#
_symmetry.space_group_name_H-M   'P 43 21 2'
#
loop_
_entity.id
_entity.type
_entity.pdbx_description
1 polymer Adenosylhomocysteinase
2 non-polymer NICOTINAMIDE-ADENINE-DINUCLEOTIDE
3 non-polymer 2-AMINO-2-HYDROXYMETHYL-PROPANE-1,3-DIOL
4 non-polymer ADENINE
5 non-polymer 'SODIUM ION'
6 water water
#
_entity_poly.entity_id   1
_entity_poly.type   'polypeptide(L)'
_entity_poly.pdbx_seq_one_letter_code
;GSHMALLVEKTTSGREYKVKDMSQADFGRLEIELAEVEMPGLMASRSEFGPSQPFKGAKITGSLHMTIQTAVLIETLTAL
GAEVRWCSCNIFSTQDHAAAAIARDSAAVFAWKGETLQEYWWCTERALDWGPGGGPDLIVDDGGDTTLLIHEGVKAEEIY
EKSGQFPDPDSTDNAEFKIVLSIIKEGLKTDPKRYHKMKDRVVGVSEETTTGVKRLYQMQANGTLLFPAINVNDSVTKSK
FDNLYGCRHSLPDGLMRATDVMIAGKVAVVAGYGDVGKGCAAALKQAGARVIVTEIDPICALQATMEGLQVLTLEDVVSE
ADIFVTTTGNKDIIMLDHMKKMKNNAIVCNIGHFDNEIDMLGLETHPGVKRITIKPQTDRWVFPETNTGIIILAEGRLMN
LGCATGHPSFVMSCSFTNQVIAQLELWNEKSSGKYEKKVYVLPKHLDEKVAALHLEKLGAKLTKLSKDQADYISVPVEGP
YKPFHYRY
;
_entity_poly.pdbx_strand_id   A,B
#
# COMPACT_ATOMS: atom_id res chain seq x y z
N SER A 2 -21.30 25.59 -29.79
CA SER A 2 -22.16 24.34 -29.73
C SER A 2 -23.44 24.39 -30.58
N HIS A 3 -23.77 23.27 -31.21
CA HIS A 3 -25.04 23.15 -31.95
C HIS A 3 -26.10 22.49 -31.09
N MET A 4 -25.80 22.22 -29.81
CA MET A 4 -26.72 21.45 -28.94
C MET A 4 -27.81 22.34 -28.39
N ALA A 5 -29.03 21.83 -28.51
CA ALA A 5 -30.22 22.48 -27.92
C ALA A 5 -30.50 21.79 -26.61
N LEU A 6 -30.52 22.55 -25.53
CA LEU A 6 -30.66 21.99 -24.18
C LEU A 6 -32.11 21.80 -23.82
N LEU A 7 -32.68 20.91 -24.61
CA LEU A 7 -34.05 20.43 -24.44
C LEU A 7 -33.98 18.93 -24.53
N VAL A 8 -34.56 18.23 -23.57
CA VAL A 8 -34.50 16.79 -23.59
C VAL A 8 -35.20 16.22 -24.76
N GLU A 9 -34.67 15.10 -25.20
CA GLU A 9 -35.31 14.21 -26.13
C GLU A 9 -35.89 13.03 -25.37
N LYS A 10 -36.72 12.25 -26.06
CA LYS A 10 -37.28 11.03 -25.45
C LYS A 10 -37.29 9.89 -26.39
N THR A 11 -37.10 8.72 -25.79
CA THR A 11 -37.21 7.48 -26.53
C THR A 11 -38.65 7.23 -26.85
N THR A 12 -38.86 6.24 -27.71
CA THR A 12 -40.23 5.79 -28.02
C THR A 12 -40.98 5.54 -26.69
N SER A 13 -40.30 4.99 -25.71
CA SER A 13 -40.97 4.64 -24.44
C SER A 13 -41.20 5.81 -23.51
N GLY A 14 -40.69 6.99 -23.88
CA GLY A 14 -40.86 8.18 -23.03
C GLY A 14 -39.73 8.52 -22.09
N ARG A 15 -38.63 7.78 -22.19
CA ARG A 15 -37.46 8.01 -21.35
C ARG A 15 -36.61 9.13 -21.94
N GLU A 16 -36.28 10.10 -21.10
CA GLU A 16 -35.54 11.27 -21.53
C GLU A 16 -34.05 10.97 -21.78
N TYR A 17 -33.45 11.82 -22.64
CA TYR A 17 -32.01 11.78 -22.89
C TYR A 17 -31.54 13.00 -23.67
N LYS A 18 -30.23 13.21 -23.63
CA LYS A 18 -29.63 14.15 -24.55
C LYS A 18 -28.21 13.70 -24.81
N VAL A 19 -27.93 13.30 -26.06
CA VAL A 19 -26.62 12.75 -26.44
C VAL A 19 -26.22 13.45 -27.75
N LYS A 20 -25.00 13.23 -28.18
CA LYS A 20 -24.58 13.81 -29.45
C LYS A 20 -25.24 13.25 -30.68
N ASP A 21 -25.34 11.94 -30.76
CA ASP A 21 -25.78 11.28 -31.99
CA ASP A 21 -25.64 11.26 -32.01
C ASP A 21 -26.22 9.85 -31.75
N MET A 22 -27.53 9.75 -31.72
CA MET A 22 -28.15 8.47 -31.47
CA MET A 22 -28.19 8.47 -31.53
C MET A 22 -27.83 7.42 -32.55
N SER A 23 -27.39 7.83 -33.70
CA SER A 23 -27.04 6.90 -34.77
C SER A 23 -25.84 6.04 -34.37
N GLN A 24 -25.12 6.47 -33.35
CA GLN A 24 -23.96 5.70 -32.86
C GLN A 24 -24.31 4.52 -31.92
N ALA A 25 -25.58 4.30 -31.69
CA ALA A 25 -26.02 3.30 -30.73
C ALA A 25 -25.60 1.86 -31.11
N ASP A 26 -25.70 1.53 -32.40
CA ASP A 26 -25.33 0.16 -32.82
C ASP A 26 -23.84 -0.09 -32.54
N PHE A 27 -23.02 0.90 -32.83
CA PHE A 27 -21.57 0.80 -32.59
C PHE A 27 -21.30 0.69 -31.08
N GLY A 28 -22.00 1.53 -30.31
CA GLY A 28 -21.93 1.42 -28.87
C GLY A 28 -22.22 0.01 -28.38
N ARG A 29 -23.29 -0.57 -28.88
CA ARG A 29 -23.69 -1.90 -28.49
C ARG A 29 -22.61 -2.91 -28.81
N LEU A 30 -22.00 -2.79 -29.99
CA LEU A 30 -20.95 -3.73 -30.38
CA LEU A 30 -20.97 -3.76 -30.35
C LEU A 30 -19.78 -3.70 -29.38
N GLU A 31 -19.38 -2.49 -28.97
CA GLU A 31 -18.25 -2.36 -28.07
C GLU A 31 -18.65 -2.75 -26.65
N ILE A 32 -19.89 -2.51 -26.24
CA ILE A 32 -20.38 -2.99 -24.95
C ILE A 32 -20.32 -4.51 -24.87
N GLU A 33 -20.68 -5.17 -25.96
CA GLU A 33 -20.68 -6.63 -26.00
C GLU A 33 -19.28 -7.17 -25.77
N LEU A 34 -18.28 -6.47 -26.30
CA LEU A 34 -16.88 -6.85 -26.08
C LEU A 34 -16.48 -6.57 -24.62
N ALA A 35 -16.93 -5.43 -24.09
CA ALA A 35 -16.55 -5.03 -22.75
C ALA A 35 -17.08 -6.01 -21.72
N GLU A 36 -18.28 -6.53 -21.96
CA GLU A 36 -18.89 -7.46 -20.98
C GLU A 36 -17.96 -8.66 -20.71
N VAL A 37 -17.32 -9.17 -21.76
CA VAL A 37 -16.40 -10.31 -21.60
C VAL A 37 -15.20 -9.94 -20.73
N GLU A 38 -14.82 -8.67 -20.81
CA GLU A 38 -13.69 -8.17 -20.02
C GLU A 38 -14.05 -7.74 -18.61
N MET A 39 -15.35 -7.83 -18.25
CA MET A 39 -15.81 -7.33 -16.98
C MET A 39 -16.50 -8.40 -16.15
N PRO A 40 -15.77 -9.45 -15.79
CA PRO A 40 -16.44 -10.59 -15.13
C PRO A 40 -17.07 -10.29 -13.79
N GLY A 41 -16.54 -9.31 -13.05
CA GLY A 41 -17.16 -8.92 -11.78
C GLY A 41 -18.56 -8.39 -11.97
N LEU A 42 -18.76 -7.58 -12.99
CA LEU A 42 -20.08 -7.04 -13.26
C LEU A 42 -21.00 -8.15 -13.77
N MET A 43 -20.50 -8.98 -14.68
CA MET A 43 -21.35 -10.03 -15.19
C MET A 43 -21.73 -11.03 -14.10
N ALA A 44 -20.79 -11.32 -13.19
CA ALA A 44 -21.06 -12.23 -12.06
C ALA A 44 -22.15 -11.60 -11.16
N SER A 45 -22.10 -10.28 -10.98
CA SER A 45 -23.07 -9.56 -10.18
C SER A 45 -24.45 -9.72 -10.81
N ARG A 46 -24.55 -9.64 -12.12
CA ARG A 46 -25.83 -9.85 -12.81
C ARG A 46 -26.36 -11.24 -12.60
N SER A 47 -25.49 -12.24 -12.68
CA SER A 47 -25.90 -13.62 -12.49
C SER A 47 -26.33 -13.84 -11.04
N GLU A 48 -25.57 -13.35 -10.08
CA GLU A 48 -25.84 -13.61 -8.63
C GLU A 48 -27.17 -12.94 -8.22
N PHE A 49 -27.35 -11.68 -8.61
CA PHE A 49 -28.40 -10.84 -8.07
C PHE A 49 -29.59 -10.71 -9.03
N GLY A 50 -29.44 -11.12 -10.28
CA GLY A 50 -30.56 -10.93 -11.20
C GLY A 50 -31.87 -11.55 -10.76
N PRO A 51 -31.84 -12.81 -10.27
CA PRO A 51 -33.12 -13.42 -9.88
C PRO A 51 -33.88 -12.65 -8.82
N SER A 52 -33.18 -12.04 -7.89
CA SER A 52 -33.79 -11.35 -6.76
C SER A 52 -34.14 -9.89 -7.06
N GLN A 53 -33.64 -9.35 -8.17
CA GLN A 53 -33.98 -8.00 -8.57
C GLN A 53 -33.91 -7.05 -7.38
N PRO A 54 -32.71 -6.96 -6.72
CA PRO A 54 -32.59 -6.17 -5.50
C PRO A 54 -32.81 -4.66 -5.67
N PHE A 55 -32.67 -4.14 -6.90
CA PHE A 55 -32.90 -2.72 -7.17
C PHE A 55 -34.27 -2.48 -7.78
N LYS A 56 -35.17 -3.45 -7.74
CA LYS A 56 -36.58 -3.26 -8.09
CA LYS A 56 -36.54 -3.22 -8.19
C LYS A 56 -37.11 -2.04 -7.42
N GLY A 57 -37.65 -1.11 -8.18
CA GLY A 57 -38.22 0.05 -7.63
C GLY A 57 -37.30 1.21 -7.23
N ALA A 58 -36.00 1.01 -7.38
CA ALA A 58 -35.00 2.03 -7.07
C ALA A 58 -34.74 2.95 -8.24
N LYS A 59 -34.51 4.19 -7.87
CA LYS A 59 -34.13 5.26 -8.83
C LYS A 59 -32.71 5.74 -8.54
N ILE A 60 -31.80 5.51 -9.48
CA ILE A 60 -30.38 5.82 -9.32
C ILE A 60 -29.93 6.86 -10.30
N THR A 61 -29.33 7.92 -9.77
CA THR A 61 -28.60 8.93 -10.56
C THR A 61 -27.12 8.66 -10.46
N GLY A 62 -26.45 8.61 -11.60
CA GLY A 62 -25.00 8.50 -11.59
C GLY A 62 -24.34 9.57 -12.42
N SER A 63 -23.06 9.76 -12.09
CA SER A 63 -22.17 10.75 -12.76
CA SER A 63 -22.19 10.68 -12.85
C SER A 63 -20.84 10.05 -13.25
N LEU A 64 -20.70 8.71 -13.08
CA LEU A 64 -19.51 8.09 -13.64
C LEU A 64 -19.24 8.59 -15.12
N HIS A 65 -17.98 8.85 -15.51
CA HIS A 65 -17.63 9.20 -16.91
C HIS A 65 -18.39 8.27 -17.85
N MET A 66 -19.05 8.85 -18.84
CA MET A 66 -19.99 8.06 -19.66
C MET A 66 -19.28 7.32 -20.83
N THR A 67 -18.55 6.26 -20.42
CA THR A 67 -17.75 5.44 -21.30
C THR A 67 -18.46 4.08 -21.54
N ILE A 68 -17.85 3.25 -22.38
CA ILE A 68 -18.29 1.89 -22.59
C ILE A 68 -18.31 1.14 -21.27
N GLN A 69 -17.31 1.38 -20.47
CA GLN A 69 -17.22 0.70 -19.18
C GLN A 69 -18.34 1.04 -18.24
N THR A 70 -18.65 2.32 -18.19
CA THR A 70 -19.79 2.78 -17.41
C THR A 70 -21.09 2.23 -17.95
N ALA A 71 -21.19 2.08 -19.28
CA ALA A 71 -22.37 1.46 -19.85
C ALA A 71 -22.62 0.07 -19.29
N VAL A 72 -21.53 -0.71 -19.10
CA VAL A 72 -21.69 -2.05 -18.53
C VAL A 72 -22.17 -1.96 -17.06
N LEU A 73 -21.64 -1.02 -16.32
CA LEU A 73 -22.12 -0.73 -14.96
CA LEU A 73 -22.13 -0.73 -14.96
C LEU A 73 -23.61 -0.36 -14.95
N ILE A 74 -24.00 0.56 -15.82
CA ILE A 74 -25.39 1.01 -15.86
C ILE A 74 -26.29 -0.18 -16.13
N GLU A 75 -25.89 -1.02 -17.07
CA GLU A 75 -26.70 -2.15 -17.47
C GLU A 75 -26.64 -3.29 -16.46
N THR A 76 -25.71 -3.26 -15.54
CA THR A 76 -25.77 -4.13 -14.34
C THR A 76 -26.81 -3.63 -13.37
N LEU A 77 -26.83 -2.34 -13.15
CA LEU A 77 -27.85 -1.73 -12.28
C LEU A 77 -29.25 -2.02 -12.84
N THR A 78 -29.44 -1.83 -14.14
CA THR A 78 -30.81 -2.06 -14.71
C THR A 78 -31.10 -3.57 -14.78
N ALA A 79 -30.12 -4.43 -14.98
CA ALA A 79 -30.35 -5.90 -14.96
C ALA A 79 -30.83 -6.33 -13.62
N LEU A 80 -30.47 -5.59 -12.59
CA LEU A 80 -30.85 -5.87 -11.21
C LEU A 80 -32.11 -5.12 -10.77
N GLY A 81 -32.68 -4.36 -11.71
CA GLY A 81 -34.04 -3.80 -11.53
C GLY A 81 -34.11 -2.30 -11.42
N ALA A 82 -32.97 -1.62 -11.36
CA ALA A 82 -32.94 -0.15 -11.15
C ALA A 82 -33.47 0.59 -12.36
N GLU A 83 -34.07 1.75 -12.10
CA GLU A 83 -34.29 2.76 -13.13
C GLU A 83 -33.17 3.78 -12.93
N VAL A 84 -32.58 4.23 -14.03
CA VAL A 84 -31.31 4.95 -13.98
C VAL A 84 -31.38 6.22 -14.82
N ARG A 85 -30.80 7.29 -14.28
CA ARG A 85 -30.48 8.52 -15.02
C ARG A 85 -28.99 8.85 -14.83
N TRP A 86 -28.35 9.33 -15.89
CA TRP A 86 -26.91 9.45 -15.85
C TRP A 86 -26.42 10.72 -16.55
N CYS A 87 -25.28 11.17 -16.10
CA CYS A 87 -24.48 12.21 -16.77
C CYS A 87 -22.99 11.87 -16.63
N SER A 88 -22.15 12.52 -17.43
CA SER A 88 -20.72 12.38 -17.23
C SER A 88 -20.21 13.37 -16.20
N CYS A 89 -19.11 13.07 -15.55
CA CYS A 89 -18.47 13.96 -14.59
C CYS A 89 -17.32 14.76 -15.18
N ASN A 90 -17.23 14.78 -16.50
CA ASN A 90 -16.30 15.67 -17.12
C ASN A 90 -16.77 16.00 -18.53
N ILE A 91 -16.46 17.24 -18.96
CA ILE A 91 -16.88 17.68 -20.27
C ILE A 91 -16.31 16.95 -21.47
N PHE A 92 -15.16 16.27 -21.30
CA PHE A 92 -14.54 15.57 -22.43
C PHE A 92 -14.48 14.07 -22.30
N SER A 93 -15.08 13.48 -21.27
CA SER A 93 -14.84 12.06 -21.00
C SER A 93 -15.86 11.12 -21.63
N THR A 94 -17.01 11.64 -22.06
CA THR A 94 -18.02 10.79 -22.66
C THR A 94 -17.52 10.15 -23.95
N GLN A 95 -17.89 8.88 -24.13
CA GLN A 95 -17.77 8.22 -25.40
CA GLN A 95 -17.78 8.19 -25.41
C GLN A 95 -19.18 8.22 -26.00
N ASP A 96 -19.32 8.92 -27.11
CA ASP A 96 -20.65 9.18 -27.65
C ASP A 96 -21.40 7.94 -28.05
N HIS A 97 -20.68 6.90 -28.49
CA HIS A 97 -21.37 5.67 -28.87
C HIS A 97 -21.92 4.91 -27.63
N ALA A 98 -21.19 4.97 -26.52
CA ALA A 98 -21.65 4.40 -25.27
C ALA A 98 -22.91 5.13 -24.80
N ALA A 99 -22.86 6.46 -24.83
CA ALA A 99 -23.99 7.26 -24.45
C ALA A 99 -25.23 6.91 -25.26
N ALA A 100 -25.05 6.82 -26.58
CA ALA A 100 -26.16 6.49 -27.48
C ALA A 100 -26.80 5.13 -27.21
N ALA A 101 -25.97 4.12 -27.00
CA ALA A 101 -26.50 2.80 -26.75
C ALA A 101 -27.29 2.78 -25.47
N ILE A 102 -26.79 3.40 -24.43
CA ILE A 102 -27.50 3.45 -23.14
C ILE A 102 -28.82 4.23 -23.27
N ALA A 103 -28.75 5.40 -23.89
CA ALA A 103 -29.93 6.22 -24.11
C ALA A 103 -31.01 5.42 -24.84
N ARG A 104 -30.60 4.64 -25.83
CA ARG A 104 -31.52 3.90 -26.66
C ARG A 104 -32.11 2.76 -25.85
N ASP A 105 -31.26 2.02 -25.13
CA ASP A 105 -31.62 0.70 -24.67
C ASP A 105 -31.92 0.59 -23.21
N SER A 106 -31.39 1.46 -22.38
CA SER A 106 -31.29 1.15 -20.95
C SER A 106 -31.56 2.24 -19.95
N ALA A 107 -31.18 3.51 -20.20
CA ALA A 107 -31.27 4.51 -19.16
C ALA A 107 -31.28 5.87 -19.78
N ALA A 108 -31.79 6.81 -19.01
CA ALA A 108 -31.73 8.23 -19.38
C ALA A 108 -30.28 8.68 -19.23
N VAL A 109 -29.74 9.29 -20.26
CA VAL A 109 -28.34 9.77 -20.30
CA VAL A 109 -28.41 9.82 -20.17
C VAL A 109 -28.33 11.18 -20.84
N PHE A 110 -27.60 12.05 -20.18
CA PHE A 110 -27.38 13.43 -20.62
C PHE A 110 -25.86 13.64 -20.61
N ALA A 111 -25.27 13.41 -21.75
CA ALA A 111 -23.82 13.39 -21.88
C ALA A 111 -23.40 13.41 -23.33
N TRP A 112 -22.36 14.19 -23.61
CA TRP A 112 -21.67 14.13 -24.91
C TRP A 112 -20.24 14.57 -24.71
N LYS A 113 -19.39 14.13 -25.63
CA LYS A 113 -17.98 14.58 -25.60
C LYS A 113 -17.91 15.99 -26.09
N GLY A 114 -17.22 16.85 -25.35
CA GLY A 114 -17.06 18.24 -25.77
C GLY A 114 -18.18 19.16 -25.32
N GLU A 115 -18.77 18.89 -24.17
CA GLU A 115 -19.68 19.81 -23.54
C GLU A 115 -19.01 21.14 -23.20
N THR A 116 -19.79 22.22 -23.23
CA THR A 116 -19.38 23.43 -22.57
C THR A 116 -19.66 23.29 -21.06
N LEU A 117 -19.13 24.17 -20.25
CA LEU A 117 -19.39 24.08 -18.80
C LEU A 117 -20.88 24.29 -18.49
N GLN A 118 -21.55 25.15 -19.25
CA GLN A 118 -22.98 25.33 -19.06
C GLN A 118 -23.71 24.05 -19.32
N GLU A 119 -23.36 23.38 -20.40
CA GLU A 119 -24.00 22.12 -20.80
C GLU A 119 -23.75 21.05 -19.76
N TYR A 120 -22.51 21.01 -19.25
CA TYR A 120 -22.10 20.06 -18.21
C TYR A 120 -22.99 20.13 -16.99
N TRP A 121 -23.23 21.34 -16.54
CA TRP A 121 -24.07 21.55 -15.33
C TRP A 121 -25.54 21.32 -15.63
N TRP A 122 -26.00 21.67 -16.83
CA TRP A 122 -27.36 21.35 -17.23
C TRP A 122 -27.54 19.82 -17.22
N CYS A 123 -26.57 19.07 -17.73
CA CYS A 123 -26.68 17.60 -17.73
C CYS A 123 -26.76 17.02 -16.32
N THR A 124 -26.00 17.62 -15.43
CA THR A 124 -25.99 17.22 -14.01
C THR A 124 -27.39 17.41 -13.40
N GLU A 125 -27.96 18.58 -13.69
CA GLU A 125 -29.34 18.85 -13.26
C GLU A 125 -30.31 17.87 -13.86
N ARG A 126 -30.17 17.57 -15.13
CA ARG A 126 -31.05 16.59 -15.77
C ARG A 126 -30.93 15.22 -15.15
N ALA A 127 -29.71 14.76 -14.87
CA ALA A 127 -29.55 13.45 -14.31
C ALA A 127 -30.21 13.32 -12.94
N LEU A 128 -30.27 14.44 -12.20
CA LEU A 128 -30.90 14.49 -10.88
C LEU A 128 -32.41 14.69 -10.93
N ASP A 129 -32.95 15.01 -12.11
CA ASP A 129 -34.38 15.44 -12.27
C ASP A 129 -35.28 14.26 -12.53
N TRP A 130 -35.88 13.77 -11.46
CA TRP A 130 -36.77 12.63 -11.51
C TRP A 130 -38.22 13.09 -11.60
N GLY A 131 -38.39 14.40 -11.80
CA GLY A 131 -39.71 14.92 -12.12
C GLY A 131 -40.41 15.02 -10.80
N PRO A 132 -41.76 15.26 -10.84
CA PRO A 132 -42.57 15.51 -9.64
C PRO A 132 -42.56 14.41 -8.61
N GLY A 133 -42.44 13.20 -9.09
CA GLY A 133 -42.46 12.02 -8.26
C GLY A 133 -41.31 11.99 -7.29
N GLY A 134 -40.17 12.56 -7.68
CA GLY A 134 -39.08 12.53 -6.74
C GLY A 134 -38.00 11.47 -7.04
N GLY A 135 -36.88 11.73 -6.43
CA GLY A 135 -35.68 10.90 -6.62
C GLY A 135 -34.49 11.81 -6.69
N PRO A 136 -33.30 11.24 -6.74
CA PRO A 136 -33.02 9.82 -6.74
C PRO A 136 -33.10 9.21 -5.37
N ASP A 137 -33.20 7.88 -5.34
CA ASP A 137 -32.98 7.10 -4.10
C ASP A 137 -31.49 6.98 -3.79
N LEU A 138 -30.71 6.81 -4.86
CA LEU A 138 -29.31 6.45 -4.74
C LEU A 138 -28.49 7.28 -5.71
N ILE A 139 -27.26 7.65 -5.32
CA ILE A 139 -26.36 8.39 -6.20
C ILE A 139 -25.06 7.63 -6.31
N VAL A 140 -24.58 7.52 -7.57
CA VAL A 140 -23.23 7.06 -7.88
C VAL A 140 -22.50 8.32 -8.36
N ASP A 141 -21.41 8.71 -7.69
CA ASP A 141 -20.71 9.95 -7.99
C ASP A 141 -19.25 9.65 -8.24
N ASP A 142 -18.66 10.45 -9.08
CA ASP A 142 -17.25 10.43 -9.37
C ASP A 142 -16.73 11.88 -9.41
N GLY A 143 -16.11 12.28 -8.30
CA GLY A 143 -15.54 13.59 -8.15
C GLY A 143 -16.36 14.53 -7.30
N GLY A 144 -17.60 14.18 -7.04
CA GLY A 144 -18.42 14.87 -6.09
C GLY A 144 -19.23 16.06 -6.60
N ASP A 145 -19.28 16.32 -7.89
CA ASP A 145 -20.05 17.47 -8.38
C ASP A 145 -21.56 17.32 -8.17
N THR A 146 -22.11 16.13 -8.35
CA THR A 146 -23.55 15.94 -8.10
C THR A 146 -23.86 16.12 -6.63
N THR A 147 -22.99 15.57 -5.77
CA THR A 147 -23.13 15.70 -4.36
C THR A 147 -23.03 17.20 -3.94
N LEU A 148 -22.06 17.92 -4.52
CA LEU A 148 -21.85 19.35 -4.34
CA LEU A 148 -21.89 19.34 -4.26
C LEU A 148 -23.10 20.15 -4.64
N LEU A 149 -23.67 19.86 -5.80
CA LEU A 149 -24.84 20.60 -6.25
C LEU A 149 -25.99 20.45 -5.23
N ILE A 150 -26.16 19.26 -4.68
CA ILE A 150 -27.23 19.05 -3.74
C ILE A 150 -26.98 19.82 -2.46
N HIS A 151 -25.76 19.74 -1.95
CA HIS A 151 -25.38 20.42 -0.69
C HIS A 151 -25.43 21.94 -0.84
N GLU A 152 -24.94 22.47 -1.95
CA GLU A 152 -25.01 23.89 -2.18
C GLU A 152 -26.48 24.32 -2.39
N GLY A 153 -27.26 23.50 -3.06
CA GLY A 153 -28.66 23.77 -3.28
C GLY A 153 -29.41 23.89 -1.97
N VAL A 154 -29.19 22.96 -1.05
CA VAL A 154 -29.87 22.98 0.25
C VAL A 154 -29.48 24.25 1.01
N LYS A 155 -28.23 24.61 1.01
CA LYS A 155 -27.76 25.83 1.67
C LYS A 155 -28.47 27.06 1.11
N ALA A 156 -28.56 27.16 -0.21
CA ALA A 156 -29.18 28.30 -0.85
C ALA A 156 -30.68 28.33 -0.51
N GLU A 157 -31.31 27.16 -0.49
CA GLU A 157 -32.72 27.10 -0.15
C GLU A 157 -32.98 27.53 1.27
N GLU A 158 -32.09 27.25 2.19
CA GLU A 158 -32.30 27.72 3.57
C GLU A 158 -32.32 29.24 3.65
N ILE A 159 -31.39 29.89 2.98
CA ILE A 159 -31.29 31.33 2.99
C ILE A 159 -32.49 31.91 2.29
N TYR A 160 -32.85 31.33 1.15
CA TYR A 160 -33.95 31.83 0.34
C TYR A 160 -35.28 31.82 1.11
N GLU A 161 -35.53 30.72 1.79
CA GLU A 161 -36.77 30.52 2.55
C GLU A 161 -37.02 31.63 3.55
N LYS A 162 -35.94 32.15 4.12
CA LYS A 162 -36.02 33.16 5.18
CA LYS A 162 -35.96 33.18 5.18
C LYS A 162 -35.99 34.59 4.64
N SER A 163 -35.03 34.88 3.76
CA SER A 163 -34.79 36.25 3.36
CA SER A 163 -34.72 36.22 3.33
C SER A 163 -35.09 36.52 1.93
N GLY A 164 -35.42 35.47 1.18
CA GLY A 164 -35.66 35.60 -0.25
C GLY A 164 -34.41 35.95 -1.04
N GLN A 165 -33.25 35.83 -0.42
CA GLN A 165 -32.00 36.14 -1.11
C GLN A 165 -31.58 35.00 -2.00
N PHE A 166 -31.12 35.35 -3.19
CA PHE A 166 -30.56 34.39 -4.14
C PHE A 166 -29.08 34.35 -4.05
N PRO A 167 -28.49 33.20 -4.44
CA PRO A 167 -27.04 33.14 -4.71
C PRO A 167 -26.70 34.22 -5.68
N ASP A 168 -25.57 34.86 -5.44
CA ASP A 168 -25.13 35.90 -6.35
C ASP A 168 -23.82 35.51 -6.99
N PRO A 169 -23.82 35.31 -8.32
CA PRO A 169 -22.59 34.88 -8.96
C PRO A 169 -21.41 35.84 -8.77
N ASP A 170 -21.67 37.09 -8.44
CA ASP A 170 -20.59 38.05 -8.17
C ASP A 170 -19.79 37.69 -6.92
N SER A 171 -20.36 36.81 -6.12
CA SER A 171 -19.68 36.37 -4.89
C SER A 171 -18.43 35.50 -5.12
N THR A 172 -18.26 35.02 -6.37
CA THR A 172 -17.09 34.20 -6.75
C THR A 172 -16.47 34.80 -8.01
N ASP A 173 -15.12 34.71 -8.09
CA ASP A 173 -14.46 35.09 -9.32
C ASP A 173 -14.24 33.86 -10.19
N ASN A 174 -14.65 32.71 -9.68
CA ASN A 174 -14.53 31.44 -10.43
C ASN A 174 -15.63 31.29 -11.47
N ALA A 175 -15.27 31.35 -12.75
CA ALA A 175 -16.22 31.30 -13.84
C ALA A 175 -17.15 30.10 -13.75
N GLU A 176 -16.62 28.93 -13.41
CA GLU A 176 -17.46 27.74 -13.36
C GLU A 176 -18.39 27.80 -12.17
N PHE A 177 -17.90 28.30 -11.04
CA PHE A 177 -18.78 28.37 -9.88
C PHE A 177 -19.90 29.41 -10.09
N LYS A 178 -19.66 30.43 -10.91
CA LYS A 178 -20.74 31.34 -11.31
C LYS A 178 -21.85 30.56 -12.03
N ILE A 179 -21.48 29.60 -12.85
CA ILE A 179 -22.48 28.79 -13.53
C ILE A 179 -23.30 27.98 -12.52
N VAL A 180 -22.64 27.38 -11.53
CA VAL A 180 -23.32 26.61 -10.52
C VAL A 180 -24.28 27.51 -9.73
N LEU A 181 -23.81 28.68 -9.32
CA LEU A 181 -24.67 29.59 -8.55
C LEU A 181 -25.85 30.06 -9.38
N SER A 182 -25.64 30.30 -10.66
CA SER A 182 -26.74 30.68 -11.49
CA SER A 182 -26.73 30.63 -11.61
C SER A 182 -27.76 29.55 -11.69
N ILE A 183 -27.32 28.30 -11.82
CA ILE A 183 -28.22 27.15 -11.89
C ILE A 183 -29.06 27.02 -10.59
N ILE A 184 -28.44 27.29 -9.46
CA ILE A 184 -29.13 27.20 -8.19
C ILE A 184 -30.16 28.33 -8.13
N LYS A 185 -29.74 29.54 -8.50
CA LYS A 185 -30.65 30.69 -8.50
C LYS A 185 -31.89 30.37 -9.35
N GLU A 186 -31.68 29.90 -10.57
CA GLU A 186 -32.79 29.60 -11.45
C GLU A 186 -33.68 28.54 -10.90
N GLY A 187 -33.09 27.57 -10.18
CA GLY A 187 -33.93 26.53 -9.62
C GLY A 187 -34.74 27.04 -8.43
N LEU A 188 -34.23 28.02 -7.68
CA LEU A 188 -35.00 28.65 -6.59
C LEU A 188 -36.26 29.28 -7.15
N LYS A 189 -36.14 29.83 -8.35
CA LYS A 189 -37.21 30.61 -8.99
C LYS A 189 -38.29 29.71 -9.55
N THR A 190 -38.05 28.39 -9.54
CA THR A 190 -39.02 27.39 -9.97
CA THR A 190 -39.04 27.41 -9.94
C THR A 190 -39.50 26.52 -8.77
N ASP A 191 -38.57 25.93 -8.02
CA ASP A 191 -38.90 25.11 -6.85
C ASP A 191 -37.92 25.29 -5.71
N PRO A 192 -38.24 26.20 -4.78
CA PRO A 192 -37.33 26.54 -3.68
C PRO A 192 -37.06 25.42 -2.69
N LYS A 193 -37.67 24.27 -2.88
CA LYS A 193 -37.43 23.12 -1.94
C LYS A 193 -36.95 21.86 -2.71
N ARG A 194 -36.55 22.06 -3.96
CA ARG A 194 -36.01 20.94 -4.77
C ARG A 194 -35.03 20.08 -4.02
N TYR A 195 -33.99 20.73 -3.51
CA TYR A 195 -32.89 19.96 -2.91
C TYR A 195 -33.19 19.50 -1.50
N HIS A 196 -34.01 20.24 -0.77
CA HIS A 196 -34.50 19.75 0.51
C HIS A 196 -35.26 18.44 0.34
N LYS A 197 -36.14 18.39 -0.64
CA LYS A 197 -36.92 17.18 -0.88
C LYS A 197 -35.99 16.07 -1.33
N MET A 198 -35.01 16.42 -2.13
CA MET A 198 -34.09 15.43 -2.70
C MET A 198 -33.31 14.80 -1.59
N LYS A 199 -32.77 15.61 -0.70
CA LYS A 199 -31.87 15.10 0.32
C LYS A 199 -32.60 14.23 1.29
N ASP A 200 -33.88 14.47 1.45
CA ASP A 200 -34.66 13.67 2.37
C ASP A 200 -34.98 12.27 1.79
N ARG A 201 -34.82 12.12 0.48
CA ARG A 201 -35.14 10.85 -0.18
C ARG A 201 -33.89 10.03 -0.51
N VAL A 202 -32.74 10.71 -0.55
CA VAL A 202 -31.46 10.05 -0.88
C VAL A 202 -31.04 9.12 0.28
N VAL A 203 -30.95 7.83 -0.05
CA VAL A 203 -30.50 6.77 0.87
C VAL A 203 -28.99 6.88 1.07
N GLY A 204 -28.28 7.22 -0.02
CA GLY A 204 -26.86 7.47 0.11
C GLY A 204 -26.18 7.69 -1.22
N VAL A 205 -24.89 8.00 -1.15
CA VAL A 205 -24.01 8.12 -2.33
C VAL A 205 -22.83 7.21 -2.20
N SER A 206 -22.44 6.64 -3.35
CA SER A 206 -21.15 5.94 -3.43
C SER A 206 -20.24 6.69 -4.35
N GLU A 207 -19.08 7.01 -3.84
CA GLU A 207 -18.11 7.92 -4.50
C GLU A 207 -16.85 7.17 -4.96
N GLU A 208 -16.57 7.43 -6.21
CA GLU A 208 -15.58 6.72 -7.00
C GLU A 208 -14.12 7.16 -6.80
N THR A 209 -13.85 8.43 -6.60
CA THR A 209 -12.49 8.92 -6.81
C THR A 209 -11.93 9.71 -5.69
N THR A 210 -10.60 9.76 -5.62
CA THR A 210 -9.90 10.39 -4.52
C THR A 210 -10.39 11.79 -4.26
N THR A 211 -10.49 12.63 -5.28
CA THR A 211 -10.95 14.01 -5.08
C THR A 211 -12.34 14.04 -4.47
N GLY A 212 -13.23 13.18 -4.96
CA GLY A 212 -14.59 13.11 -4.44
C GLY A 212 -14.66 12.69 -3.01
N VAL A 213 -13.84 11.72 -2.65
CA VAL A 213 -13.80 11.26 -1.27
C VAL A 213 -13.21 12.33 -0.35
N LYS A 214 -12.22 13.09 -0.81
CA LYS A 214 -11.70 14.21 -0.05
C LYS A 214 -12.86 15.14 0.30
N ARG A 215 -13.65 15.46 -0.71
CA ARG A 215 -14.81 16.33 -0.50
C ARG A 215 -15.77 15.76 0.53
N LEU A 216 -16.03 14.48 0.47
CA LEU A 216 -16.92 13.85 1.44
C LEU A 216 -16.42 13.96 2.86
N TYR A 217 -15.12 13.68 3.05
CA TYR A 217 -14.51 13.77 4.37
C TYR A 217 -14.57 15.20 4.89
N GLN A 218 -14.46 16.19 3.99
CA GLN A 218 -14.58 17.64 4.36
C GLN A 218 -16.00 17.86 4.91
N MET A 219 -17.01 17.35 4.20
CA MET A 219 -18.42 17.52 4.57
C MET A 219 -18.75 16.81 5.87
N GLN A 220 -18.14 15.66 6.08
CA GLN A 220 -18.33 14.96 7.34
C GLN A 220 -17.72 15.79 8.48
N ALA A 221 -16.49 16.28 8.26
CA ALA A 221 -15.74 17.01 9.29
C ALA A 221 -16.48 18.31 9.67
N ASN A 222 -17.19 18.93 8.75
CA ASN A 222 -17.85 20.20 9.07
C ASN A 222 -19.34 20.05 9.36
N GLY A 223 -19.78 18.81 9.41
CA GLY A 223 -21.14 18.46 9.82
C GLY A 223 -22.21 18.80 8.81
N THR A 224 -21.81 18.99 7.55
CA THR A 224 -22.75 19.35 6.52
C THR A 224 -23.23 18.17 5.69
N LEU A 225 -22.56 17.05 5.76
CA LEU A 225 -22.93 15.89 4.95
C LEU A 225 -24.39 15.47 5.20
N LEU A 226 -25.16 15.41 4.14
CA LEU A 226 -26.63 15.22 4.26
C LEU A 226 -27.15 13.80 4.30
N PHE A 227 -26.32 12.84 3.94
CA PHE A 227 -26.73 11.46 3.76
C PHE A 227 -25.48 10.58 3.85
N PRO A 228 -25.68 9.26 4.11
CA PRO A 228 -24.54 8.35 4.16
C PRO A 228 -23.79 8.36 2.84
N ALA A 229 -22.52 8.03 2.96
CA ALA A 229 -21.61 7.90 1.80
C ALA A 229 -20.71 6.70 1.98
N ILE A 230 -20.56 5.96 0.89
CA ILE A 230 -19.56 4.89 0.79
C ILE A 230 -18.42 5.39 -0.10
N ASN A 231 -17.21 5.38 0.49
CA ASN A 231 -15.96 5.66 -0.16
C ASN A 231 -15.55 4.41 -0.90
N VAL A 232 -15.80 4.39 -2.20
CA VAL A 232 -15.44 3.27 -3.09
C VAL A 232 -13.94 3.41 -3.46
N ASN A 233 -13.45 4.65 -3.60
CA ASN A 233 -12.05 4.82 -4.00
C ASN A 233 -11.11 4.00 -3.19
N ASP A 234 -11.36 3.94 -1.89
CA ASP A 234 -10.41 3.37 -0.93
CA ASP A 234 -10.42 3.32 -0.95
C ASP A 234 -10.67 1.88 -0.62
N SER A 235 -11.51 1.23 -1.39
CA SER A 235 -11.38 -0.23 -1.49
C SER A 235 -9.99 -0.52 -2.04
N VAL A 236 -9.32 -1.53 -1.53
CA VAL A 236 -8.06 -1.92 -2.10
C VAL A 236 -8.18 -2.24 -3.59
N THR A 237 -9.25 -2.95 -3.93
CA THR A 237 -9.51 -3.35 -5.30
C THR A 237 -10.00 -2.22 -6.23
N LYS A 238 -10.01 -1.01 -5.69
CA LYS A 238 -10.22 0.22 -6.50
C LYS A 238 -8.88 1.01 -6.51
N SER A 239 -8.49 1.60 -5.39
CA SER A 239 -7.32 2.49 -5.34
C SER A 239 -6.05 1.83 -5.86
N LYS A 240 -5.84 0.58 -5.50
CA LYS A 240 -4.55 -0.05 -5.88
CA LYS A 240 -4.60 -0.13 -5.84
C LYS A 240 -4.64 -0.88 -7.17
N PHE A 241 -5.66 -0.59 -7.96
CA PHE A 241 -5.84 -1.21 -9.28
C PHE A 241 -6.19 -0.15 -10.29
N ASP A 242 -7.38 0.41 -10.27
CA ASP A 242 -7.78 1.51 -11.17
C ASP A 242 -6.79 2.66 -11.10
N ASN A 243 -6.55 3.20 -9.91
CA ASN A 243 -5.82 4.46 -9.87
C ASN A 243 -4.38 4.26 -10.38
N LEU A 244 -3.82 3.11 -10.06
CA LEU A 244 -2.45 2.67 -10.36
CA LEU A 244 -2.44 2.75 -10.41
C LEU A 244 -2.34 2.08 -11.79
N TYR A 245 -2.83 0.86 -11.94
CA TYR A 245 -2.75 0.10 -13.22
CA TYR A 245 -2.70 0.15 -13.21
C TYR A 245 -3.59 0.72 -14.31
N GLY A 246 -4.73 1.31 -13.94
CA GLY A 246 -5.53 1.96 -14.94
C GLY A 246 -4.81 3.12 -15.62
N CYS A 247 -4.18 3.96 -14.82
CA CYS A 247 -3.40 5.06 -15.39
C CYS A 247 -2.16 4.56 -16.11
N ARG A 248 -1.57 3.48 -15.61
CA ARG A 248 -0.44 2.90 -16.33
C ARG A 248 -0.80 2.53 -17.76
N HIS A 249 -2.04 2.15 -17.98
CA HIS A 249 -2.56 1.91 -19.32
C HIS A 249 -2.92 3.21 -20.04
N SER A 250 -3.76 4.01 -19.41
CA SER A 250 -4.44 5.08 -20.13
C SER A 250 -3.68 6.39 -20.26
N LEU A 251 -2.66 6.60 -19.44
CA LEU A 251 -1.78 7.76 -19.63
CA LEU A 251 -1.76 7.75 -19.62
C LEU A 251 -1.04 7.66 -20.99
N PRO A 252 -0.31 6.55 -21.24
CA PRO A 252 0.39 6.53 -22.55
C PRO A 252 -0.61 6.56 -23.70
N ASP A 253 -1.76 5.92 -23.54
CA ASP A 253 -2.79 5.91 -24.59
C ASP A 253 -3.15 7.38 -24.92
N GLY A 254 -3.46 8.14 -23.90
CA GLY A 254 -3.79 9.54 -24.12
C GLY A 254 -2.68 10.33 -24.81
N LEU A 255 -1.46 10.08 -24.40
CA LEU A 255 -0.34 10.80 -25.00
C LEU A 255 -0.19 10.44 -26.47
N MET A 256 -0.25 9.14 -26.75
CA MET A 256 -0.05 8.67 -28.12
CA MET A 256 -0.06 8.64 -28.11
C MET A 256 -1.17 9.14 -29.03
N ARG A 257 -2.41 9.02 -28.62
CA ARG A 257 -3.49 9.43 -29.50
C ARG A 257 -3.42 10.92 -29.74
N ALA A 258 -3.13 11.69 -28.70
CA ALA A 258 -3.21 13.12 -28.85
C ALA A 258 -2.11 13.74 -29.64
N THR A 259 -0.93 13.15 -29.57
CA THR A 259 0.27 13.75 -30.12
C THR A 259 1.16 12.84 -30.97
N ASP A 260 0.98 11.54 -30.85
CA ASP A 260 1.84 10.59 -31.49
C ASP A 260 3.30 10.73 -31.15
N VAL A 261 3.63 11.43 -30.08
CA VAL A 261 5.05 11.70 -29.75
C VAL A 261 5.72 10.42 -29.26
N MET A 262 6.99 10.23 -29.60
CA MET A 262 7.78 9.15 -29.01
C MET A 262 8.03 9.51 -27.56
N ILE A 263 7.75 8.58 -26.67
CA ILE A 263 8.00 8.75 -25.27
C ILE A 263 9.46 8.32 -24.95
N ALA A 264 9.89 7.25 -25.59
CA ALA A 264 11.27 6.76 -25.39
C ALA A 264 12.21 7.87 -25.72
N GLY A 265 13.22 8.00 -24.89
CA GLY A 265 14.27 8.98 -25.08
C GLY A 265 14.00 10.35 -24.49
N LYS A 266 12.76 10.61 -24.08
CA LYS A 266 12.35 11.90 -23.54
C LYS A 266 12.52 11.97 -22.04
N VAL A 267 12.46 13.19 -21.56
CA VAL A 267 12.33 13.50 -20.16
C VAL A 267 10.86 13.80 -19.86
N ALA A 268 10.29 13.13 -18.87
CA ALA A 268 8.89 13.33 -18.48
C ALA A 268 8.83 13.64 -17.01
N VAL A 269 8.09 14.68 -16.67
CA VAL A 269 7.82 15.02 -15.28
C VAL A 269 6.44 14.57 -14.87
N VAL A 270 6.40 13.85 -13.74
CA VAL A 270 5.17 13.46 -13.14
C VAL A 270 5.07 14.21 -11.82
N ALA A 271 4.08 15.11 -11.73
CA ALA A 271 3.85 15.84 -10.50
C ALA A 271 2.92 14.98 -9.64
N GLY A 272 3.41 14.58 -8.48
CA GLY A 272 2.73 13.66 -7.60
C GLY A 272 3.11 12.21 -7.79
N TYR A 273 3.11 11.48 -6.69
CA TYR A 273 3.54 10.07 -6.68
C TYR A 273 2.66 9.27 -5.74
N GLY A 274 1.36 9.60 -5.76
CA GLY A 274 0.37 8.77 -5.10
C GLY A 274 0.01 7.63 -6.05
N ASP A 275 -1.20 7.12 -5.96
CA ASP A 275 -1.54 5.95 -6.79
C ASP A 275 -1.48 6.27 -8.26
N VAL A 276 -2.05 7.41 -8.64
CA VAL A 276 -2.06 7.83 -10.08
C VAL A 276 -0.66 8.15 -10.57
N GLY A 277 0.11 8.89 -9.77
CA GLY A 277 1.47 9.25 -10.16
C GLY A 277 2.36 8.03 -10.25
N LYS A 278 2.17 7.05 -9.36
CA LYS A 278 2.94 5.82 -9.45
C LYS A 278 2.66 5.15 -10.78
N GLY A 279 1.37 5.06 -11.17
CA GLY A 279 1.01 4.39 -12.41
C GLY A 279 1.52 5.13 -13.62
N CYS A 280 1.43 6.46 -13.58
CA CYS A 280 1.88 7.29 -14.69
C CYS A 280 3.39 7.21 -14.87
N ALA A 281 4.11 7.31 -13.74
CA ALA A 281 5.57 7.20 -13.78
C ALA A 281 6.00 5.83 -14.27
N ALA A 282 5.29 4.77 -13.86
CA ALA A 282 5.58 3.40 -14.31
C ALA A 282 5.45 3.35 -15.83
N ALA A 283 4.34 3.86 -16.35
CA ALA A 283 4.15 3.79 -17.81
C ALA A 283 5.25 4.51 -18.52
N LEU A 284 5.59 5.72 -18.08
CA LEU A 284 6.57 6.52 -18.79
C LEU A 284 7.94 5.88 -18.75
N LYS A 285 8.34 5.37 -17.60
CA LYS A 285 9.62 4.72 -17.48
C LYS A 285 9.65 3.47 -18.32
N GLN A 286 8.58 2.70 -18.25
CA GLN A 286 8.56 1.48 -19.03
CA GLN A 286 8.37 1.49 -19.07
C GLN A 286 8.56 1.74 -20.55
N ALA A 287 8.12 2.89 -20.97
CA ALA A 287 8.16 3.27 -22.37
C ALA A 287 9.50 3.88 -22.79
N GLY A 288 10.44 4.03 -21.86
CA GLY A 288 11.79 4.52 -22.17
C GLY A 288 12.00 5.99 -21.93
N ALA A 289 11.07 6.69 -21.27
CA ALA A 289 11.33 8.05 -20.83
C ALA A 289 12.13 8.01 -19.52
N ARG A 290 12.86 9.09 -19.30
CA ARG A 290 13.53 9.36 -18.07
C ARG A 290 12.57 10.23 -17.23
N VAL A 291 12.07 9.69 -16.13
CA VAL A 291 11.00 10.27 -15.38
C VAL A 291 11.53 10.99 -14.16
N ILE A 292 11.09 12.21 -14.01
CA ILE A 292 11.39 13.03 -12.84
C ILE A 292 10.06 13.26 -12.11
N VAL A 293 10.05 13.00 -10.81
CA VAL A 293 8.87 13.12 -9.98
C VAL A 293 8.98 14.36 -9.09
N THR A 294 7.87 15.06 -8.93
CA THR A 294 7.74 16.07 -7.90
C THR A 294 6.79 15.53 -6.83
N GLU A 295 7.05 15.90 -5.57
CA GLU A 295 6.26 15.45 -4.46
C GLU A 295 6.40 16.41 -3.30
N ILE A 296 5.32 16.47 -2.52
CA ILE A 296 5.28 17.13 -1.21
C ILE A 296 5.39 16.19 -0.01
N ASP A 297 5.15 14.91 -0.25
CA ASP A 297 5.10 13.92 0.81
C ASP A 297 6.40 13.14 0.83
N PRO A 298 7.14 13.20 1.93
CA PRO A 298 8.48 12.61 1.91
C PRO A 298 8.44 11.10 1.79
N ILE A 299 7.36 10.46 2.23
CA ILE A 299 7.24 8.99 2.05
C ILE A 299 7.11 8.65 0.57
N CYS A 300 6.19 9.31 -0.10
CA CYS A 300 6.02 9.11 -1.56
C CYS A 300 7.29 9.44 -2.28
N ALA A 301 7.95 10.55 -1.93
CA ALA A 301 9.21 10.88 -2.56
C ALA A 301 10.24 9.77 -2.43
N LEU A 302 10.35 9.24 -1.21
CA LEU A 302 11.31 8.17 -0.99
C LEU A 302 10.96 6.91 -1.79
N GLN A 303 9.68 6.60 -1.89
CA GLN A 303 9.27 5.49 -2.75
C GLN A 303 9.74 5.69 -4.18
N ALA A 304 9.57 6.92 -4.70
CA ALA A 304 9.98 7.19 -6.07
C ALA A 304 11.49 6.94 -6.24
N THR A 305 12.28 7.39 -5.26
CA THR A 305 13.72 7.18 -5.35
CA THR A 305 13.70 7.25 -5.37
C THR A 305 14.10 5.76 -5.38
N MET A 306 13.35 4.93 -4.68
CA MET A 306 13.59 3.48 -4.65
C MET A 306 13.26 2.78 -5.91
N GLU A 307 12.46 3.43 -6.71
CA GLU A 307 12.13 2.98 -8.02
C GLU A 307 13.04 3.55 -9.08
N GLY A 308 14.11 4.22 -8.67
CA GLY A 308 15.08 4.72 -9.61
C GLY A 308 14.73 5.99 -10.32
N LEU A 309 13.82 6.75 -9.74
CA LEU A 309 13.35 8.03 -10.29
C LEU A 309 13.96 9.20 -9.54
N GLN A 310 14.29 10.24 -10.26
CA GLN A 310 14.77 11.45 -9.64
C GLN A 310 13.61 12.26 -9.10
N VAL A 311 13.78 12.84 -7.91
CA VAL A 311 12.78 13.70 -7.30
C VAL A 311 13.34 15.10 -7.23
N LEU A 312 12.69 16.01 -7.94
CA LEU A 312 13.08 17.42 -7.96
C LEU A 312 11.86 18.29 -7.87
N THR A 313 12.05 19.59 -7.71
CA THR A 313 10.95 20.52 -7.84
C THR A 313 10.72 20.84 -9.30
N LEU A 314 9.50 21.28 -9.60
CA LEU A 314 9.18 21.64 -11.00
C LEU A 314 10.15 22.67 -11.56
N GLU A 315 10.54 23.62 -10.71
CA GLU A 315 11.37 24.71 -11.15
C GLU A 315 12.74 24.26 -11.63
N ASP A 316 13.18 23.10 -11.16
CA ASP A 316 14.47 22.54 -11.53
C ASP A 316 14.51 21.94 -12.92
N VAL A 317 13.35 21.63 -13.49
CA VAL A 317 13.32 20.83 -14.70
C VAL A 317 12.39 21.39 -15.77
N VAL A 318 11.79 22.56 -15.50
CA VAL A 318 10.78 23.10 -16.39
C VAL A 318 11.25 23.32 -17.81
N SER A 319 12.52 23.69 -18.00
CA SER A 319 12.98 23.94 -19.37
C SER A 319 13.56 22.71 -20.07
N GLU A 320 13.71 21.63 -19.35
CA GLU A 320 14.31 20.40 -19.82
C GLU A 320 13.29 19.38 -20.26
N ALA A 321 12.16 19.28 -19.54
CA ALA A 321 11.24 18.17 -19.78
C ALA A 321 10.48 18.34 -21.09
N ASP A 322 10.16 17.18 -21.66
CA ASP A 322 9.41 17.08 -22.91
C ASP A 322 7.90 16.91 -22.69
N ILE A 323 7.58 16.32 -21.55
CA ILE A 323 6.19 15.89 -21.19
C ILE A 323 6.03 16.20 -19.74
N PHE A 324 4.89 16.79 -19.37
CA PHE A 324 4.50 17.08 -18.01
C PHE A 324 3.14 16.48 -17.76
N VAL A 325 3.01 15.76 -16.66
CA VAL A 325 1.74 15.14 -16.26
C VAL A 325 1.47 15.43 -14.81
N THR A 326 0.35 16.12 -14.55
CA THR A 326 -0.06 16.37 -13.17
C THR A 326 -1.01 15.27 -12.66
N THR A 327 -0.72 14.79 -11.43
CA THR A 327 -1.44 13.64 -10.86
C THR A 327 -1.85 13.90 -9.42
N THR A 328 -1.90 15.16 -9.02
CA THR A 328 -1.90 15.45 -7.58
C THR A 328 -3.24 15.48 -6.88
N GLY A 329 -4.29 15.81 -7.61
CA GLY A 329 -5.54 16.17 -6.96
C GLY A 329 -5.52 17.51 -6.26
N ASN A 330 -4.44 18.24 -6.42
CA ASN A 330 -4.24 19.57 -5.87
C ASN A 330 -4.52 20.60 -6.95
N LYS A 331 -4.21 21.83 -6.68
CA LYS A 331 -4.35 22.93 -7.63
C LYS A 331 -3.02 23.65 -7.80
N ASP A 332 -2.89 24.38 -8.91
CA ASP A 332 -1.81 25.34 -9.13
C ASP A 332 -0.49 24.62 -9.15
N ILE A 333 -0.42 23.54 -9.91
CA ILE A 333 0.81 22.77 -10.05
C ILE A 333 1.71 23.32 -11.15
N ILE A 334 1.12 23.51 -12.32
CA ILE A 334 1.81 24.08 -13.49
C ILE A 334 1.20 25.41 -13.84
N MET A 335 1.92 26.48 -13.47
CA MET A 335 1.41 27.80 -13.67
C MET A 335 1.92 28.42 -14.99
N LEU A 336 1.31 29.54 -15.35
CA LEU A 336 1.73 30.26 -16.53
C LEU A 336 3.24 30.56 -16.50
N ASP A 337 3.78 30.91 -15.35
CA ASP A 337 5.20 31.23 -15.20
CA ASP A 337 5.19 31.28 -15.38
C ASP A 337 6.09 30.05 -15.61
N HIS A 338 5.63 28.86 -15.26
CA HIS A 338 6.29 27.63 -15.66
C HIS A 338 6.17 27.42 -17.17
N MET A 339 4.96 27.52 -17.69
CA MET A 339 4.69 27.29 -19.12
CA MET A 339 4.73 27.26 -19.10
C MET A 339 5.60 28.11 -20.01
N LYS A 340 5.80 29.36 -19.63
CA LYS A 340 6.60 30.28 -20.42
C LYS A 340 8.06 29.86 -20.59
N LYS A 341 8.53 28.99 -19.70
CA LYS A 341 9.93 28.52 -19.72
C LYS A 341 10.12 27.19 -20.44
N MET A 342 9.03 26.57 -20.85
CA MET A 342 9.06 25.26 -21.45
C MET A 342 9.61 25.29 -22.85
N LYS A 343 10.28 24.22 -23.28
CA LYS A 343 10.75 24.19 -24.65
C LYS A 343 9.59 24.15 -25.61
N ASN A 344 9.90 24.54 -26.85
CA ASN A 344 8.92 24.47 -27.90
C ASN A 344 8.34 23.08 -28.02
N ASN A 345 7.01 23.03 -27.98
CA ASN A 345 6.19 21.84 -28.15
C ASN A 345 6.29 20.88 -26.99
N ALA A 346 6.74 21.32 -25.82
CA ALA A 346 6.55 20.55 -24.60
C ALA A 346 5.07 20.24 -24.47
N ILE A 347 4.76 19.02 -24.00
CA ILE A 347 3.39 18.53 -23.85
C ILE A 347 3.03 18.66 -22.37
N VAL A 348 1.90 19.34 -22.10
CA VAL A 348 1.41 19.61 -20.77
C VAL A 348 0.02 18.99 -20.63
N CYS A 349 -0.14 18.15 -19.61
CA CYS A 349 -1.42 17.50 -19.40
C CYS A 349 -1.65 17.22 -17.94
N ASN A 350 -2.91 16.92 -17.68
CA ASN A 350 -3.38 16.62 -16.36
C ASN A 350 -4.22 15.32 -16.38
N ILE A 351 -3.99 14.45 -15.39
CA ILE A 351 -4.76 13.23 -15.24
C ILE A 351 -5.44 13.17 -13.86
N GLY A 352 -5.28 14.21 -13.06
CA GLY A 352 -6.08 14.35 -11.85
C GLY A 352 -7.51 14.76 -12.20
N HIS A 353 -8.41 14.67 -11.23
CA HIS A 353 -9.81 14.88 -11.51
C HIS A 353 -10.23 16.20 -12.09
N PHE A 354 -9.62 17.26 -11.63
CA PHE A 354 -9.97 18.63 -12.05
C PHE A 354 -8.85 19.29 -12.79
N ASP A 355 -9.26 20.17 -13.71
CA ASP A 355 -8.32 20.84 -14.61
C ASP A 355 -7.45 21.92 -13.95
N ASN A 356 -7.83 22.39 -12.77
CA ASN A 356 -7.06 23.47 -12.11
C ASN A 356 -5.67 23.09 -11.59
N GLU A 357 -5.27 21.84 -11.79
CA GLU A 357 -3.86 21.48 -11.61
C GLU A 357 -2.97 22.31 -12.54
N ILE A 358 -3.45 22.60 -13.74
N ILE A 358 -3.57 22.66 -13.68
CA ILE A 358 -2.71 23.42 -14.69
CA ILE A 358 -2.95 23.38 -14.78
C ILE A 358 -3.46 24.77 -14.79
C ILE A 358 -3.52 24.82 -14.73
N ASP A 359 -2.67 25.83 -14.95
CA ASP A 359 -3.15 27.22 -14.93
C ASP A 359 -3.76 27.62 -16.28
N MET A 360 -4.89 26.99 -16.63
CA MET A 360 -5.57 27.34 -17.86
C MET A 360 -6.01 28.78 -17.89
N LEU A 361 -6.49 29.26 -16.75
CA LEU A 361 -6.95 30.65 -16.69
C LEU A 361 -5.79 31.62 -17.01
N GLY A 362 -4.61 31.40 -16.42
CA GLY A 362 -3.47 32.26 -16.68
C GLY A 362 -2.99 32.17 -18.14
N LEU A 363 -3.05 30.96 -18.68
CA LEU A 363 -2.71 30.77 -20.06
C LEU A 363 -3.63 31.51 -21.01
N GLU A 364 -4.93 31.30 -20.79
CA GLU A 364 -5.94 31.80 -21.71
C GLU A 364 -6.00 33.33 -21.72
N THR A 365 -5.62 33.91 -20.59
CA THR A 365 -5.64 35.37 -20.40
C THR A 365 -4.28 36.04 -20.56
N HIS A 366 -3.28 35.30 -21.01
CA HIS A 366 -1.95 35.85 -21.18
C HIS A 366 -1.97 36.77 -22.40
N PRO A 367 -1.62 38.08 -22.26
CA PRO A 367 -1.75 39.00 -23.40
C PRO A 367 -0.95 38.58 -24.60
N GLY A 368 -1.61 38.48 -25.74
CA GLY A 368 -0.91 38.18 -26.96
C GLY A 368 -0.70 36.70 -27.26
N VAL A 369 -1.11 35.85 -26.32
CA VAL A 369 -1.03 34.40 -26.55
C VAL A 369 -1.96 33.99 -27.69
N LYS A 370 -1.60 32.92 -28.41
CA LYS A 370 -2.44 32.41 -29.51
C LYS A 370 -2.62 30.92 -29.38
N ARG A 371 -3.85 30.48 -29.53
CA ARG A 371 -4.20 29.08 -29.52
CA ARG A 371 -4.22 29.07 -29.50
C ARG A 371 -4.48 28.59 -30.90
N ILE A 372 -3.81 27.51 -31.26
CA ILE A 372 -4.08 26.86 -32.52
CA ILE A 372 -3.97 26.86 -32.52
C ILE A 372 -4.45 25.41 -32.23
N THR A 373 -5.65 25.08 -32.60
CA THR A 373 -6.16 23.73 -32.37
C THR A 373 -5.57 22.86 -33.46
N ILE A 374 -4.84 21.83 -33.06
CA ILE A 374 -4.29 20.87 -33.99
C ILE A 374 -5.38 19.89 -34.43
N LYS A 375 -6.15 19.43 -33.45
CA LYS A 375 -7.29 18.58 -33.59
C LYS A 375 -8.00 18.62 -32.25
N PRO A 376 -9.21 18.03 -32.16
CA PRO A 376 -9.91 18.14 -30.90
C PRO A 376 -9.06 17.56 -29.74
N GLN A 377 -8.95 18.39 -28.72
CA GLN A 377 -8.23 18.10 -27.47
C GLN A 377 -6.71 18.11 -27.56
N THR A 378 -6.17 18.56 -28.71
CA THR A 378 -4.74 18.87 -28.81
C THR A 378 -4.57 20.29 -29.30
N ASP A 379 -4.16 21.17 -28.41
CA ASP A 379 -4.03 22.62 -28.69
CA ASP A 379 -4.01 22.60 -28.73
C ASP A 379 -2.58 23.06 -28.52
N ARG A 380 -2.09 23.84 -29.45
CA ARG A 380 -0.78 24.45 -29.36
C ARG A 380 -0.92 25.93 -29.04
N TRP A 381 -0.39 26.35 -27.92
CA TRP A 381 -0.41 27.74 -27.48
C TRP A 381 0.96 28.34 -27.69
N VAL A 382 0.96 29.46 -28.42
CA VAL A 382 2.19 30.17 -28.77
C VAL A 382 2.27 31.47 -28.03
N PHE A 383 3.40 31.71 -27.38
CA PHE A 383 3.63 32.89 -26.57
C PHE A 383 4.31 34.00 -27.34
N PRO A 384 3.90 35.23 -27.10
CA PRO A 384 4.46 36.33 -27.89
C PRO A 384 5.89 36.71 -27.56
N GLU A 385 6.32 36.47 -26.34
CA GLU A 385 7.66 36.81 -25.91
C GLU A 385 8.68 36.02 -26.70
N THR A 386 8.40 34.74 -26.88
CA THR A 386 9.30 33.72 -27.36
C THR A 386 9.01 33.27 -28.77
N ASN A 387 7.75 33.40 -29.20
CA ASN A 387 7.27 32.77 -30.42
C ASN A 387 7.48 31.25 -30.47
N THR A 388 7.53 30.64 -29.29
CA THR A 388 7.50 29.19 -29.15
C THR A 388 6.18 28.79 -28.48
N GLY A 389 5.91 27.52 -28.55
CA GLY A 389 4.66 27.00 -28.12
C GLY A 389 4.73 25.86 -27.12
N ILE A 390 3.59 25.58 -26.52
CA ILE A 390 3.39 24.36 -25.74
C ILE A 390 2.13 23.69 -26.25
N ILE A 391 2.04 22.39 -25.98
CA ILE A 391 0.90 21.55 -26.39
C ILE A 391 0.11 21.20 -25.14
N ILE A 392 -1.12 21.69 -25.05
CA ILE A 392 -2.02 21.38 -23.92
C ILE A 392 -3.01 20.33 -24.38
N LEU A 393 -3.14 19.27 -23.59
CA LEU A 393 -4.09 18.23 -23.85
C LEU A 393 -5.39 18.46 -23.11
N ALA A 394 -6.47 18.28 -23.85
CA ALA A 394 -7.84 18.29 -23.31
C ALA A 394 -8.15 19.53 -22.48
N GLU A 395 -7.54 20.68 -22.82
CA GLU A 395 -7.71 21.93 -22.09
CA GLU A 395 -7.73 21.93 -22.11
C GLU A 395 -7.48 21.76 -20.61
N GLY A 396 -6.56 20.88 -20.27
CA GLY A 396 -6.21 20.61 -18.85
C GLY A 396 -7.11 19.60 -18.13
N ARG A 397 -8.15 19.12 -18.80
CA ARG A 397 -9.08 18.13 -18.22
C ARG A 397 -8.43 16.77 -18.28
N LEU A 398 -8.95 15.83 -17.49
CA LEU A 398 -8.31 14.51 -17.38
CA LEU A 398 -8.44 14.45 -17.42
C LEU A 398 -8.04 14.00 -18.80
N MET A 399 -6.75 13.78 -19.03
CA MET A 399 -6.27 13.57 -20.38
C MET A 399 -6.55 12.20 -20.91
N ASN A 400 -6.58 11.22 -19.99
CA ASN A 400 -6.76 9.85 -20.41
C ASN A 400 -8.12 9.62 -21.05
N LEU A 401 -9.14 10.17 -20.38
CA LEU A 401 -10.51 10.16 -20.85
C LEU A 401 -10.72 11.19 -21.93
N GLY A 402 -10.02 12.32 -21.88
CA GLY A 402 -10.29 13.37 -22.85
C GLY A 402 -9.68 13.11 -24.22
N CYS A 403 -8.48 12.53 -24.22
CA CYS A 403 -7.73 12.27 -25.43
C CYS A 403 -7.74 10.84 -25.88
N ALA A 404 -8.15 9.92 -25.06
CA ALA A 404 -8.25 8.50 -25.41
C ALA A 404 -9.58 7.97 -24.86
N THR A 405 -9.59 6.85 -24.15
CA THR A 405 -10.84 6.21 -23.74
C THR A 405 -10.84 5.88 -22.25
N GLY A 406 -9.96 6.52 -21.52
CA GLY A 406 -9.78 6.17 -20.12
C GLY A 406 -9.29 4.74 -19.93
N HIS A 407 -9.50 4.26 -18.72
CA HIS A 407 -9.04 2.94 -18.36
C HIS A 407 -9.73 1.85 -19.16
N PRO A 408 -9.11 0.67 -19.24
CA PRO A 408 -9.76 -0.44 -19.90
C PRO A 408 -10.80 -1.14 -19.04
N SER A 409 -11.59 -1.95 -19.72
CA SER A 409 -12.71 -2.63 -19.07
C SER A 409 -12.31 -3.50 -17.89
N PHE A 410 -11.23 -4.28 -17.99
CA PHE A 410 -10.95 -5.23 -16.92
C PHE A 410 -10.76 -4.53 -15.58
N VAL A 411 -9.94 -3.47 -15.56
CA VAL A 411 -9.72 -2.74 -14.32
C VAL A 411 -10.97 -2.02 -13.86
N MET A 412 -11.74 -1.47 -14.80
CA MET A 412 -12.98 -0.80 -14.41
C MET A 412 -13.99 -1.79 -13.85
N SER A 413 -13.91 -3.06 -14.20
CA SER A 413 -14.75 -4.05 -13.60
C SER A 413 -14.46 -4.19 -12.13
N CYS A 414 -13.20 -4.03 -11.73
CA CYS A 414 -12.86 -4.03 -10.32
C CYS A 414 -13.50 -2.84 -9.65
N SER A 415 -13.26 -1.64 -10.19
CA SER A 415 -13.83 -0.48 -9.59
C SER A 415 -15.37 -0.56 -9.49
N PHE A 416 -15.97 -0.95 -10.58
CA PHE A 416 -17.42 -0.89 -10.69
C PHE A 416 -18.13 -2.04 -9.99
N THR A 417 -17.46 -3.15 -9.74
CA THR A 417 -18.03 -4.19 -8.90
C THR A 417 -18.10 -3.64 -7.45
N ASN A 418 -17.11 -2.88 -7.03
CA ASN A 418 -17.19 -2.19 -5.77
C ASN A 418 -18.40 -1.24 -5.78
N GLN A 419 -18.63 -0.50 -6.86
CA GLN A 419 -19.79 0.40 -6.88
C GLN A 419 -21.11 -0.36 -6.75
N VAL A 420 -21.24 -1.52 -7.43
CA VAL A 420 -22.45 -2.34 -7.30
C VAL A 420 -22.64 -2.76 -5.86
N ILE A 421 -21.59 -3.27 -5.23
CA ILE A 421 -21.66 -3.72 -3.87
C ILE A 421 -22.06 -2.59 -2.94
N ALA A 422 -21.49 -1.39 -3.15
CA ALA A 422 -21.79 -0.23 -2.32
C ALA A 422 -23.27 0.18 -2.46
N GLN A 423 -23.75 0.21 -3.69
CA GLN A 423 -25.13 0.57 -3.98
C GLN A 423 -26.08 -0.46 -3.37
N LEU A 424 -25.74 -1.74 -3.47
CA LEU A 424 -26.58 -2.78 -2.88
C LEU A 424 -26.62 -2.64 -1.38
N GLU A 425 -25.49 -2.33 -0.78
CA GLU A 425 -25.44 -2.18 0.66
C GLU A 425 -26.31 -1.03 1.11
N LEU A 426 -26.12 0.14 0.51
CA LEU A 426 -26.92 1.30 0.90
C LEU A 426 -28.42 1.02 0.73
N TRP A 427 -28.80 0.40 -0.39
CA TRP A 427 -30.21 0.20 -0.70
C TRP A 427 -30.86 -0.86 0.17
N ASN A 428 -30.13 -1.96 0.37
CA ASN A 428 -30.65 -3.05 1.21
C ASN A 428 -30.81 -2.58 2.64
N GLU A 429 -29.96 -1.68 3.07
CA GLU A 429 -30.00 -1.11 4.41
C GLU A 429 -30.80 0.19 4.54
N LYS A 430 -31.60 0.52 3.51
CA LYS A 430 -32.30 1.84 3.46
C LYS A 430 -33.15 2.12 4.70
N SER A 431 -33.74 1.07 5.28
CA SER A 431 -34.78 1.25 6.31
C SER A 431 -34.24 0.77 7.64
N SER A 432 -32.96 0.40 7.71
CA SER A 432 -32.41 -0.26 8.92
C SER A 432 -31.70 0.66 9.91
N GLY A 433 -31.37 1.84 9.48
CA GLY A 433 -30.62 2.76 10.31
C GLY A 433 -29.17 2.37 10.55
N LYS A 434 -28.66 1.42 9.79
CA LYS A 434 -27.26 0.99 9.95
C LYS A 434 -26.28 2.15 9.65
N TYR A 435 -26.57 2.91 8.61
CA TYR A 435 -25.64 3.99 8.22
C TYR A 435 -26.09 5.36 8.69
N GLU A 436 -25.16 6.06 9.31
CA GLU A 436 -25.37 7.43 9.69
C GLU A 436 -24.90 8.32 8.55
N LYS A 437 -25.06 9.64 8.75
CA LYS A 437 -24.60 10.64 7.80
C LYS A 437 -23.10 10.83 7.91
N LYS A 438 -22.38 9.75 7.54
CA LYS A 438 -20.92 9.69 7.61
C LYS A 438 -20.41 8.90 6.41
N VAL A 439 -19.10 8.82 6.33
CA VAL A 439 -18.39 8.17 5.23
C VAL A 439 -17.87 6.82 5.72
N TYR A 440 -18.23 5.78 4.97
CA TYR A 440 -17.97 4.37 5.28
C TYR A 440 -17.15 3.78 4.14
N VAL A 441 -16.37 2.74 4.46
CA VAL A 441 -15.72 1.91 3.43
CA VAL A 441 -15.68 1.96 3.46
C VAL A 441 -16.27 0.53 3.52
N LEU A 442 -16.21 -0.17 2.41
CA LEU A 442 -16.68 -1.56 2.35
C LEU A 442 -15.75 -2.45 3.18
N PRO A 443 -16.31 -3.49 3.81
CA PRO A 443 -15.49 -4.41 4.57
C PRO A 443 -14.58 -5.24 3.71
N LYS A 444 -13.52 -5.70 4.34
CA LYS A 444 -12.48 -6.43 3.67
C LYS A 444 -12.97 -7.70 2.95
N HIS A 445 -13.92 -8.44 3.53
CA HIS A 445 -14.35 -9.65 2.87
C HIS A 445 -14.94 -9.36 1.51
N LEU A 446 -15.56 -8.19 1.36
CA LEU A 446 -16.15 -7.80 0.06
C LEU A 446 -15.10 -7.30 -0.92
N ASP A 447 -14.11 -6.59 -0.38
CA ASP A 447 -12.92 -6.15 -1.19
C ASP A 447 -12.27 -7.41 -1.76
N GLU A 448 -12.05 -8.43 -0.92
CA GLU A 448 -11.51 -9.69 -1.39
C GLU A 448 -12.39 -10.38 -2.42
N LYS A 449 -13.72 -10.36 -2.20
CA LYS A 449 -14.64 -10.94 -3.18
C LYS A 449 -14.46 -10.30 -4.57
N VAL A 450 -14.29 -8.99 -4.61
CA VAL A 450 -14.07 -8.30 -5.89
C VAL A 450 -12.84 -8.89 -6.59
N ALA A 451 -11.74 -9.04 -5.85
CA ALA A 451 -10.55 -9.59 -6.45
C ALA A 451 -10.81 -11.00 -6.95
N ALA A 452 -11.44 -11.80 -6.08
CA ALA A 452 -11.64 -13.22 -6.36
C ALA A 452 -12.46 -13.39 -7.63
N LEU A 453 -13.42 -12.50 -7.87
CA LEU A 453 -14.27 -12.57 -9.06
C LEU A 453 -13.52 -12.33 -10.37
N HIS A 454 -12.30 -11.79 -10.29
CA HIS A 454 -11.51 -11.45 -11.49
C HIS A 454 -10.36 -12.40 -11.79
N LEU A 455 -10.13 -13.37 -10.92
CA LEU A 455 -8.98 -14.30 -11.07
C LEU A 455 -9.16 -15.31 -12.17
N GLU A 456 -10.37 -15.85 -12.29
CA GLU A 456 -10.60 -16.92 -13.29
C GLU A 456 -10.32 -16.45 -14.70
N LYS A 457 -10.74 -15.24 -14.99
CA LYS A 457 -10.51 -14.63 -16.32
C LYS A 457 -9.05 -14.69 -16.71
N LEU A 458 -8.19 -14.46 -15.73
CA LEU A 458 -6.76 -14.40 -15.95
C LEU A 458 -6.01 -15.72 -15.72
N GLY A 459 -6.75 -16.76 -15.38
CA GLY A 459 -6.17 -18.06 -15.13
C GLY A 459 -5.37 -18.18 -13.87
N ALA A 460 -5.54 -17.21 -12.97
CA ALA A 460 -4.82 -17.21 -11.68
C ALA A 460 -5.44 -18.22 -10.76
N LYS A 461 -4.62 -19.14 -10.24
CA LYS A 461 -5.13 -20.21 -9.40
CA LYS A 461 -5.09 -20.26 -9.40
C LYS A 461 -4.68 -20.01 -7.97
N LEU A 462 -5.65 -19.82 -7.10
CA LEU A 462 -5.43 -19.56 -5.69
C LEU A 462 -5.20 -20.85 -4.91
N THR A 463 -4.30 -20.77 -3.94
CA THR A 463 -4.10 -21.82 -2.97
C THR A 463 -5.10 -21.71 -1.84
N LYS A 464 -5.54 -22.87 -1.33
CA LYS A 464 -6.42 -22.91 -0.16
C LYS A 464 -5.62 -23.24 1.07
N LEU A 465 -5.80 -22.45 2.13
CA LEU A 465 -5.22 -22.75 3.42
C LEU A 465 -5.83 -24.02 3.98
N SER A 466 -4.99 -24.82 4.62
CA SER A 466 -5.53 -25.86 5.51
C SER A 466 -6.04 -25.17 6.76
N LYS A 467 -6.91 -25.84 7.55
CA LYS A 467 -7.32 -25.23 8.78
C LYS A 467 -6.14 -24.95 9.74
N ASP A 468 -5.18 -25.88 9.78
CA ASP A 468 -3.99 -25.68 10.61
C ASP A 468 -3.21 -24.45 10.20
N GLN A 469 -2.98 -24.26 8.90
CA GLN A 469 -2.29 -23.06 8.42
C GLN A 469 -3.08 -21.80 8.72
N ALA A 470 -4.39 -21.86 8.48
CA ALA A 470 -5.23 -20.66 8.75
C ALA A 470 -5.13 -20.21 10.23
N ASP A 471 -5.20 -21.20 11.11
CA ASP A 471 -5.03 -20.96 12.54
C ASP A 471 -3.65 -20.34 12.88
N TYR A 472 -2.61 -20.86 12.22
CA TYR A 472 -1.26 -20.45 12.48
C TYR A 472 -1.04 -18.95 12.22
N ILE A 473 -1.69 -18.39 11.18
CA ILE A 473 -1.56 -16.99 10.84
C ILE A 473 -2.77 -16.18 11.31
N SER A 474 -3.63 -16.82 12.09
CA SER A 474 -4.77 -16.16 12.79
C SER A 474 -5.79 -15.62 11.77
N VAL A 475 -6.13 -16.39 10.73
CA VAL A 475 -7.21 -15.98 9.80
C VAL A 475 -8.17 -17.13 9.56
N PRO A 476 -9.39 -16.86 9.14
CA PRO A 476 -10.26 -17.88 8.69
C PRO A 476 -9.83 -18.43 7.33
N VAL A 477 -10.15 -19.69 7.07
CA VAL A 477 -9.84 -20.34 5.79
C VAL A 477 -10.44 -19.54 4.65
N GLU A 478 -11.64 -18.98 4.91
CA GLU A 478 -12.36 -18.21 3.86
C GLU A 478 -12.08 -16.71 3.86
N GLY A 479 -11.16 -16.31 4.72
CA GLY A 479 -10.81 -14.89 4.86
C GLY A 479 -11.73 -14.15 5.79
N PRO A 480 -11.49 -12.89 6.01
CA PRO A 480 -10.47 -12.11 5.38
C PRO A 480 -9.08 -12.47 5.83
N TYR A 481 -8.11 -12.14 4.99
CA TYR A 481 -6.75 -12.74 5.12
C TYR A 481 -5.74 -11.79 5.71
N LYS A 482 -6.12 -10.54 5.84
CA LYS A 482 -5.20 -9.47 6.26
C LYS A 482 -5.79 -8.61 7.36
N PRO A 483 -4.93 -8.04 8.21
CA PRO A 483 -5.41 -7.17 9.23
C PRO A 483 -6.04 -5.93 8.69
N PHE A 484 -6.85 -5.30 9.52
CA PHE A 484 -7.62 -4.13 9.08
C PHE A 484 -6.78 -3.03 8.45
N HIS A 485 -5.60 -2.81 9.01
CA HIS A 485 -4.77 -1.73 8.53
CA HIS A 485 -4.65 -1.75 8.63
C HIS A 485 -3.74 -2.16 7.49
N TYR A 486 -3.88 -3.37 6.96
CA TYR A 486 -2.90 -3.85 5.92
C TYR A 486 -2.93 -2.94 4.68
N ARG A 487 -1.75 -2.66 4.15
CA ARG A 487 -1.61 -1.73 3.02
C ARG A 487 -1.40 -2.30 1.63
N TYR A 488 -1.13 -3.59 1.56
CA TYR A 488 -0.94 -4.25 0.27
C TYR A 488 0.17 -3.62 -0.50
N GLY B 1 30.64 -27.88 36.21
CA GLY B 1 29.74 -27.93 35.02
C GLY B 1 30.42 -28.64 33.87
N SER B 2 29.73 -28.62 32.73
CA SER B 2 30.09 -29.36 31.51
C SER B 2 31.39 -28.87 30.85
N HIS B 3 32.13 -29.83 30.27
CA HIS B 3 33.39 -29.50 29.58
C HIS B 3 33.06 -28.45 28.51
N MET B 4 31.89 -28.63 27.90
CA MET B 4 31.45 -27.78 26.78
C MET B 4 30.40 -26.75 27.20
N ALA B 5 30.42 -26.40 28.49
CA ALA B 5 29.46 -25.41 29.01
C ALA B 5 29.69 -24.09 28.30
N LEU B 6 28.56 -23.46 28.01
CA LEU B 6 28.57 -22.11 27.47
C LEU B 6 28.80 -21.17 28.63
N LEU B 7 29.88 -20.42 28.56
CA LEU B 7 30.22 -19.44 29.64
C LEU B 7 30.49 -18.07 29.05
N VAL B 8 29.97 -17.07 29.74
CA VAL B 8 30.21 -15.69 29.36
C VAL B 8 31.68 -15.35 29.56
N GLU B 9 32.19 -14.54 28.65
CA GLU B 9 33.48 -13.91 28.81
C GLU B 9 33.24 -12.46 29.20
N LYS B 10 34.33 -11.80 29.62
CA LYS B 10 34.27 -10.40 29.99
C LYS B 10 35.34 -9.58 29.34
N THR B 11 34.98 -8.39 28.91
CA THR B 11 35.97 -7.44 28.38
C THR B 11 36.91 -6.98 29.49
N THR B 12 37.92 -6.18 29.13
CA THR B 12 38.94 -5.77 30.10
C THR B 12 38.27 -4.82 31.11
N SER B 13 37.15 -4.24 30.67
CA SER B 13 36.27 -3.39 31.51
C SER B 13 35.14 -4.14 32.24
N GLY B 14 35.12 -5.47 32.10
CA GLY B 14 34.15 -6.29 32.83
C GLY B 14 32.78 -6.54 32.23
N ARG B 15 32.57 -6.14 30.97
CA ARG B 15 31.26 -6.33 30.35
C ARG B 15 31.22 -7.72 29.75
N GLU B 16 30.08 -8.37 29.97
CA GLU B 16 29.84 -9.75 29.53
C GLU B 16 29.63 -9.81 28.03
N TYR B 17 30.03 -10.94 27.46
CA TYR B 17 29.83 -11.20 26.05
C TYR B 17 30.09 -12.66 25.77
N LYS B 18 29.59 -13.11 24.62
CA LYS B 18 30.08 -14.32 23.99
C LYS B 18 29.88 -14.21 22.53
N VAL B 19 30.99 -14.17 21.83
CA VAL B 19 31.05 -14.01 20.37
C VAL B 19 32.01 -15.02 19.75
N LYS B 20 32.04 -15.12 18.46
CA LYS B 20 32.92 -16.05 17.78
C LYS B 20 34.37 -15.71 17.94
N ASP B 21 34.74 -14.44 17.74
CA ASP B 21 36.15 -14.12 17.61
CA ASP B 21 36.14 -14.09 17.70
C ASP B 21 36.35 -12.61 17.83
N MET B 22 36.79 -12.26 19.02
CA MET B 22 37.00 -10.85 19.33
C MET B 22 38.04 -10.17 18.47
N SER B 23 38.93 -10.94 17.82
CA SER B 23 39.94 -10.32 16.94
C SER B 23 39.32 -9.67 15.71
N GLN B 24 38.06 -9.97 15.46
CA GLN B 24 37.31 -9.38 14.35
C GLN B 24 36.77 -7.98 14.62
N ALA B 25 37.04 -7.45 15.81
CA ALA B 25 36.52 -6.15 16.20
C ALA B 25 36.97 -5.03 15.28
N ASP B 26 38.25 -4.98 14.93
CA ASP B 26 38.77 -3.89 14.06
C ASP B 26 38.05 -3.85 12.73
N PHE B 27 37.83 -5.04 12.17
CA PHE B 27 37.13 -5.18 10.88
C PHE B 27 35.68 -4.73 11.03
N GLY B 28 35.02 -5.15 12.11
CA GLY B 28 33.67 -4.69 12.40
C GLY B 28 33.61 -3.19 12.45
N ARG B 29 34.57 -2.56 13.13
CA ARG B 29 34.56 -1.09 13.26
C ARG B 29 34.68 -0.44 11.89
N LEU B 30 35.54 -0.99 11.05
CA LEU B 30 35.69 -0.44 9.71
C LEU B 30 34.39 -0.43 8.91
N GLU B 31 33.68 -1.55 8.96
CA GLU B 31 32.42 -1.62 8.24
C GLU B 31 31.30 -0.85 8.91
N ILE B 32 31.33 -0.73 10.22
CA ILE B 32 30.41 0.14 10.96
C ILE B 32 30.57 1.61 10.51
N GLU B 33 31.83 2.05 10.37
CA GLU B 33 32.09 3.43 9.98
C GLU B 33 31.49 3.71 8.59
N LEU B 34 31.56 2.73 7.69
CA LEU B 34 30.93 2.86 6.35
C LEU B 34 29.41 2.91 6.48
N ALA B 35 28.87 2.00 7.28
CA ALA B 35 27.43 1.97 7.48
C ALA B 35 26.84 3.26 8.01
N GLU B 36 27.53 3.90 8.95
CA GLU B 36 27.06 5.13 9.49
C GLU B 36 26.69 6.18 8.42
N VAL B 37 27.53 6.28 7.41
CA VAL B 37 27.28 7.19 6.29
C VAL B 37 26.02 6.84 5.50
N GLU B 38 25.73 5.55 5.45
CA GLU B 38 24.55 5.03 4.78
C GLU B 38 23.28 5.05 5.64
N MET B 39 23.39 5.52 6.88
CA MET B 39 22.28 5.48 7.82
C MET B 39 21.97 6.86 8.42
N PRO B 40 21.54 7.80 7.56
CA PRO B 40 21.41 9.18 8.03
C PRO B 40 20.32 9.34 9.10
N GLY B 41 19.28 8.49 9.11
CA GLY B 41 18.28 8.64 10.14
C GLY B 41 18.81 8.33 11.52
N LEU B 42 19.63 7.30 11.62
CA LEU B 42 20.28 6.99 12.90
C LEU B 42 21.29 8.08 13.30
N MET B 43 22.10 8.53 12.35
CA MET B 43 23.07 9.54 12.68
C MET B 43 22.41 10.87 13.07
N ALA B 44 21.29 11.20 12.42
CA ALA B 44 20.53 12.40 12.79
C ALA B 44 19.94 12.24 14.18
N SER B 45 19.51 11.04 14.51
CA SER B 45 18.99 10.76 15.85
C SER B 45 20.06 11.02 16.88
N ARG B 46 21.28 10.58 16.61
CA ARG B 46 22.42 10.86 17.53
C ARG B 46 22.64 12.34 17.70
N SER B 47 22.64 13.09 16.60
CA SER B 47 22.90 14.53 16.64
C SER B 47 21.82 15.24 17.40
N GLU B 48 20.58 14.85 17.18
CA GLU B 48 19.44 15.59 17.76
C GLU B 48 19.29 15.26 19.24
N PHE B 49 19.47 14.00 19.59
CA PHE B 49 19.10 13.53 20.93
C PHE B 49 20.25 13.18 21.84
N GLY B 50 21.42 12.98 21.28
CA GLY B 50 22.60 12.65 22.06
C GLY B 50 22.78 13.55 23.27
N PRO B 51 22.82 14.88 23.06
CA PRO B 51 23.18 15.75 24.19
C PRO B 51 22.21 15.67 25.36
N SER B 52 20.94 15.41 25.10
CA SER B 52 19.95 15.29 26.19
C SER B 52 19.85 13.91 26.81
N GLN B 53 20.61 12.94 26.27
CA GLN B 53 20.68 11.60 26.92
C GLN B 53 19.32 11.08 27.35
N PRO B 54 18.38 10.97 26.40
CA PRO B 54 17.04 10.58 26.79
C PRO B 54 16.89 9.23 27.42
N PHE B 55 17.84 8.33 27.16
CA PHE B 55 17.76 6.98 27.72
C PHE B 55 18.66 6.82 28.98
N LYS B 56 19.06 7.94 29.58
CA LYS B 56 19.86 7.86 30.80
C LYS B 56 19.16 6.98 31.81
N GLY B 57 19.89 5.98 32.29
CA GLY B 57 19.35 5.06 33.29
C GLY B 57 18.62 3.87 32.70
N ALA B 58 18.28 3.90 31.41
CA ALA B 58 17.48 2.81 30.81
C ALA B 58 18.40 1.66 30.45
N LYS B 59 17.86 0.47 30.64
CA LYS B 59 18.50 -0.77 30.25
C LYS B 59 17.66 -1.38 29.13
N ILE B 60 18.30 -1.63 28.00
CA ILE B 60 17.62 -2.16 26.81
C ILE B 60 18.20 -3.49 26.46
N THR B 61 17.32 -4.49 26.37
CA THR B 61 17.69 -5.81 25.76
C THR B 61 17.16 -5.80 24.33
N GLY B 62 18.00 -6.22 23.39
CA GLY B 62 17.57 -6.39 22.01
C GLY B 62 17.92 -7.69 21.41
N SER B 63 17.11 -8.03 20.39
CA SER B 63 17.35 -9.25 19.63
C SER B 63 17.38 -9.02 18.09
N LEU B 64 17.42 -7.74 17.64
CA LEU B 64 17.62 -7.54 16.21
C LEU B 64 18.83 -8.39 15.70
N HIS B 65 18.70 -8.96 14.50
CA HIS B 65 19.80 -9.75 13.90
C HIS B 65 21.12 -9.00 14.06
N MET B 66 22.15 -9.70 14.52
CA MET B 66 23.37 -9.00 14.97
C MET B 66 24.30 -8.74 13.80
N THR B 67 23.88 -7.77 12.99
CA THR B 67 24.56 -7.36 11.80
C THR B 67 25.26 -6.01 12.01
N ILE B 68 26.00 -5.57 11.00
CA ILE B 68 26.61 -4.22 11.00
C ILE B 68 25.53 -3.15 11.15
N GLN B 69 24.38 -3.37 10.51
CA GLN B 69 23.30 -2.41 10.62
C GLN B 69 22.78 -2.32 12.03
N THR B 70 22.59 -3.46 12.66
CA THR B 70 22.16 -3.49 14.05
C THR B 70 23.21 -2.84 14.94
N ALA B 71 24.49 -2.99 14.61
CA ALA B 71 25.56 -2.34 15.37
C ALA B 71 25.35 -0.83 15.38
N VAL B 72 24.95 -0.24 14.27
CA VAL B 72 24.73 1.20 14.20
C VAL B 72 23.54 1.58 15.07
N LEU B 73 22.52 0.74 15.08
CA LEU B 73 21.36 0.93 15.96
CA LEU B 73 21.35 0.92 15.95
C LEU B 73 21.79 0.88 17.43
N ILE B 74 22.54 -0.13 17.80
CA ILE B 74 22.95 -0.29 19.17
C ILE B 74 23.70 0.95 19.63
N GLU B 75 24.63 1.39 18.80
CA GLU B 75 25.45 2.54 19.12
C GLU B 75 24.71 3.86 19.05
N THR B 76 23.56 3.88 18.43
CA THR B 76 22.63 4.99 18.58
C THR B 76 21.93 4.97 19.94
N LEU B 77 21.47 3.79 20.37
CA LEU B 77 20.93 3.67 21.70
C LEU B 77 21.91 4.07 22.80
N THR B 78 23.15 3.64 22.67
CA THR B 78 24.17 3.97 23.67
C THR B 78 24.53 5.45 23.57
N ALA B 79 24.61 6.02 22.38
CA ALA B 79 24.86 7.46 22.19
C ALA B 79 23.81 8.29 22.88
N LEU B 80 22.61 7.75 23.01
CA LEU B 80 21.48 8.40 23.66
C LEU B 80 21.37 8.07 25.16
N GLY B 81 22.32 7.32 25.70
CA GLY B 81 22.49 7.08 27.14
C GLY B 81 22.09 5.72 27.62
N ALA B 82 21.59 4.85 26.73
CA ALA B 82 21.15 3.50 27.18
C ALA B 82 22.34 2.59 27.51
N GLU B 83 22.09 1.67 28.45
CA GLU B 83 22.90 0.49 28.62
C GLU B 83 22.20 -0.64 27.90
N VAL B 84 22.99 -1.47 27.22
CA VAL B 84 22.43 -2.44 26.26
C VAL B 84 23.03 -3.82 26.41
N ARG B 85 22.15 -4.79 26.30
CA ARG B 85 22.53 -6.22 26.15
C ARG B 85 21.81 -6.74 24.90
N TRP B 86 22.47 -7.61 24.15
CA TRP B 86 21.97 -7.99 22.84
C TRP B 86 22.21 -9.47 22.53
N CYS B 87 21.31 -10.02 21.70
CA CYS B 87 21.46 -11.33 21.08
C CYS B 87 20.93 -11.24 19.65
N SER B 88 21.20 -12.25 18.84
CA SER B 88 20.60 -12.27 17.54
C SER B 88 19.32 -13.08 17.59
N CYS B 89 18.37 -12.82 16.69
CA CYS B 89 17.11 -13.54 16.64
C CYS B 89 17.10 -14.68 15.60
N ASN B 90 18.27 -15.11 15.16
CA ASN B 90 18.41 -16.30 14.33
C ASN B 90 19.80 -16.87 14.45
N ILE B 91 19.85 -18.20 14.42
CA ILE B 91 21.13 -18.92 14.55
C ILE B 91 22.17 -18.63 13.48
N PHE B 92 21.75 -18.15 12.30
CA PHE B 92 22.69 -17.93 11.18
C PHE B 92 22.86 -16.45 10.79
N SER B 93 22.20 -15.53 11.47
CA SER B 93 22.13 -14.14 10.96
C SER B 93 23.21 -13.18 11.48
N THR B 94 23.92 -13.58 12.54
CA THR B 94 24.97 -12.75 13.07
C THR B 94 26.09 -12.59 12.07
N GLN B 95 26.59 -11.36 11.99
CA GLN B 95 27.85 -10.99 11.36
CA GLN B 95 27.84 -11.05 11.36
C GLN B 95 28.90 -10.91 12.47
N ASP B 96 29.82 -11.86 12.49
CA ASP B 96 30.74 -11.99 13.63
C ASP B 96 31.56 -10.74 13.90
N HIS B 97 31.94 -10.01 12.86
CA HIS B 97 32.77 -8.81 13.05
C HIS B 97 31.93 -7.68 13.68
N ALA B 98 30.67 -7.61 13.31
CA ALA B 98 29.74 -6.69 13.97
C ALA B 98 29.61 -6.98 15.44
N ALA B 99 29.43 -8.27 15.76
CA ALA B 99 29.24 -8.70 17.14
C ALA B 99 30.49 -8.35 17.96
N ALA B 100 31.66 -8.64 17.38
CA ALA B 100 32.93 -8.39 18.07
C ALA B 100 33.11 -6.89 18.36
N ALA B 101 32.85 -6.05 17.37
CA ALA B 101 33.01 -4.62 17.58
C ALA B 101 32.11 -4.09 18.67
N ILE B 102 30.88 -4.53 18.67
CA ILE B 102 29.93 -4.10 19.71
C ILE B 102 30.39 -4.61 21.09
N ALA B 103 30.75 -5.91 21.16
CA ALA B 103 31.20 -6.48 22.41
C ALA B 103 32.39 -5.68 22.95
N ARG B 104 33.32 -5.36 22.07
CA ARG B 104 34.49 -4.65 22.50
C ARG B 104 34.18 -3.25 22.98
N ASP B 105 33.29 -2.55 22.27
CA ASP B 105 33.22 -1.09 22.36
C ASP B 105 32.00 -0.54 23.06
N SER B 106 30.88 -1.28 23.02
CA SER B 106 29.60 -0.66 23.29
C SER B 106 28.56 -1.42 24.10
N ALA B 107 28.48 -2.77 24.02
CA ALA B 107 27.35 -3.42 24.65
C ALA B 107 27.71 -4.88 24.84
N ALA B 108 27.04 -5.50 25.81
CA ALA B 108 27.08 -6.95 26.00
C ALA B 108 26.36 -7.60 24.86
N VAL B 109 27.00 -8.55 24.23
CA VAL B 109 26.47 -9.22 23.04
CA VAL B 109 26.37 -9.25 23.12
C VAL B 109 26.70 -10.72 23.18
N PHE B 110 25.66 -11.52 22.93
CA PHE B 110 25.74 -12.99 22.96
C PHE B 110 25.25 -13.46 21.62
N ALA B 111 26.16 -13.65 20.69
CA ALA B 111 25.75 -13.89 19.30
C ALA B 111 26.93 -14.35 18.49
N TRP B 112 26.70 -15.37 17.68
CA TRP B 112 27.66 -15.83 16.67
C TRP B 112 26.92 -16.47 15.51
N LYS B 113 27.54 -16.45 14.37
CA LYS B 113 26.95 -17.12 13.23
C LYS B 113 27.13 -18.63 13.34
N GLY B 114 26.07 -19.38 13.18
CA GLY B 114 26.16 -20.83 13.29
C GLY B 114 25.94 -21.39 14.68
N GLU B 115 25.10 -20.73 15.44
CA GLU B 115 24.65 -21.22 16.77
C GLU B 115 23.85 -22.52 16.61
N THR B 116 23.98 -23.43 17.59
CA THR B 116 22.99 -24.47 17.75
C THR B 116 21.73 -23.88 18.36
N LEU B 117 20.62 -24.59 18.35
CA LEU B 117 19.42 -24.09 18.98
C LEU B 117 19.58 -23.93 20.47
N GLN B 118 20.28 -24.87 21.11
N GLN B 118 20.40 -24.82 21.04
CA GLN B 118 20.55 -24.66 22.54
CA GLN B 118 20.70 -24.77 22.46
C GLN B 118 21.37 -23.38 22.78
C GLN B 118 21.39 -23.45 22.79
N GLU B 119 22.37 -23.14 21.96
CA GLU B 119 23.15 -21.89 22.09
C GLU B 119 22.29 -20.66 21.88
N TYR B 120 21.42 -20.73 20.88
CA TYR B 120 20.51 -19.63 20.54
C TYR B 120 19.67 -19.21 21.74
N TRP B 121 19.03 -20.19 22.39
CA TRP B 121 18.18 -19.88 23.50
C TRP B 121 18.97 -19.41 24.73
N TRP B 122 20.15 -19.99 24.90
CA TRP B 122 21.06 -19.53 25.98
C TRP B 122 21.38 -18.03 25.74
N CYS B 123 21.73 -17.66 24.50
CA CYS B 123 22.08 -16.27 24.22
C CYS B 123 20.90 -15.34 24.48
N THR B 124 19.70 -15.80 24.16
CA THR B 124 18.47 -15.01 24.41
C THR B 124 18.30 -14.81 25.92
N GLU B 125 18.50 -15.89 26.68
CA GLU B 125 18.39 -15.83 28.12
C GLU B 125 19.43 -14.84 28.67
N ARG B 126 20.67 -14.94 28.19
CA ARG B 126 21.74 -14.05 28.63
C ARG B 126 21.41 -12.60 28.31
N ALA B 127 20.90 -12.30 27.13
CA ALA B 127 20.66 -10.91 26.78
C ALA B 127 19.64 -10.32 27.75
N LEU B 128 18.75 -11.15 28.29
CA LEU B 128 17.64 -10.73 29.19
C LEU B 128 18.06 -10.70 30.67
N ASP B 129 19.24 -11.27 30.93
CA ASP B 129 19.66 -11.54 32.32
C ASP B 129 20.68 -10.47 32.76
N TRP B 130 20.15 -9.42 33.37
CA TRP B 130 20.92 -8.24 33.76
C TRP B 130 21.57 -8.40 35.13
N GLY B 131 21.29 -9.53 35.76
CA GLY B 131 21.83 -9.83 37.10
C GLY B 131 21.25 -8.91 38.16
N PRO B 132 22.03 -8.63 39.25
CA PRO B 132 21.32 -8.16 40.43
C PRO B 132 20.75 -6.74 40.35
N GLY B 133 21.33 -5.90 39.51
CA GLY B 133 20.76 -4.56 39.30
C GLY B 133 19.44 -4.56 38.53
N GLY B 134 19.07 -5.71 37.97
CA GLY B 134 17.76 -5.82 37.33
C GLY B 134 17.77 -5.25 35.90
N GLY B 135 16.68 -5.49 35.21
CA GLY B 135 16.50 -5.04 33.80
C GLY B 135 15.94 -6.17 32.96
N PRO B 136 15.56 -5.85 31.71
CA PRO B 136 15.60 -4.54 31.09
C PRO B 136 14.41 -3.68 31.43
N ASP B 137 14.55 -2.39 31.11
CA ASP B 137 13.39 -1.51 31.07
C ASP B 137 12.65 -1.55 29.72
N LEU B 138 13.39 -1.86 28.68
CA LEU B 138 12.93 -1.76 27.30
C LEU B 138 13.42 -2.95 26.54
N ILE B 139 12.61 -3.41 25.58
CA ILE B 139 12.98 -4.54 24.74
C ILE B 139 12.80 -4.14 23.27
N VAL B 140 13.82 -4.44 22.48
CA VAL B 140 13.70 -4.37 21.01
C VAL B 140 13.74 -5.82 20.53
N ASP B 141 12.69 -6.24 19.85
CA ASP B 141 12.55 -7.65 19.47
C ASP B 141 12.26 -7.71 17.99
N ASP B 142 12.71 -8.80 17.39
CA ASP B 142 12.48 -9.13 15.99
C ASP B 142 12.08 -10.59 15.93
N GLY B 143 10.80 -10.80 15.80
CA GLY B 143 10.24 -12.14 15.70
C GLY B 143 9.53 -12.69 16.89
N GLY B 144 9.77 -12.04 18.02
CA GLY B 144 9.05 -12.35 19.24
C GLY B 144 9.65 -13.39 20.16
N ASP B 145 10.82 -13.95 19.87
CA ASP B 145 11.40 -14.98 20.74
C ASP B 145 11.73 -14.47 22.15
N THR B 146 12.23 -13.26 22.22
CA THR B 146 12.57 -12.65 23.51
C THR B 146 11.31 -12.40 24.32
N THR B 147 10.30 -11.86 23.67
CA THR B 147 9.00 -11.65 24.27
C THR B 147 8.35 -12.98 24.71
N LEU B 148 8.49 -14.00 23.89
CA LEU B 148 8.00 -15.35 24.22
CA LEU B 148 7.99 -15.34 24.22
C LEU B 148 8.68 -15.88 25.48
N LEU B 149 9.98 -15.77 25.54
CA LEU B 149 10.72 -16.27 26.70
C LEU B 149 10.26 -15.63 27.99
N ILE B 150 10.02 -14.33 27.94
CA ILE B 150 9.49 -13.63 29.09
C ILE B 150 8.10 -14.10 29.50
N HIS B 151 7.21 -14.26 28.53
CA HIS B 151 5.86 -14.68 28.80
C HIS B 151 5.82 -16.11 29.28
N GLU B 152 6.62 -16.96 28.67
CA GLU B 152 6.68 -18.36 29.12
C GLU B 152 7.40 -18.47 30.46
N GLY B 153 8.34 -17.57 30.69
CA GLY B 153 9.05 -17.48 31.98
C GLY B 153 8.14 -17.07 33.14
N VAL B 154 7.28 -16.08 32.92
CA VAL B 154 6.30 -15.69 33.92
C VAL B 154 5.40 -16.87 34.20
N LYS B 155 4.91 -17.53 33.16
CA LYS B 155 4.04 -18.67 33.37
C LYS B 155 4.69 -19.75 34.24
N ALA B 156 5.93 -20.11 33.93
CA ALA B 156 6.66 -21.12 34.65
C ALA B 156 6.89 -20.66 36.11
N GLU B 157 7.19 -19.39 36.29
CA GLU B 157 7.45 -18.85 37.63
C GLU B 157 6.18 -18.86 38.51
N GLU B 158 5.02 -18.64 37.89
CA GLU B 158 3.72 -18.71 38.59
C GLU B 158 3.44 -20.07 39.08
N ILE B 159 3.64 -21.04 38.20
CA ILE B 159 3.50 -22.46 38.58
C ILE B 159 4.48 -22.84 39.68
N TYR B 160 5.70 -22.36 39.58
CA TYR B 160 6.75 -22.62 40.57
C TYR B 160 6.37 -21.99 41.91
N GLU B 161 5.80 -20.79 41.87
N GLU B 161 5.84 -20.78 41.87
CA GLU B 161 5.50 -20.04 43.10
CA GLU B 161 5.49 -20.07 43.09
C GLU B 161 4.32 -20.67 43.82
C GLU B 161 4.42 -20.87 43.80
N LYS B 162 3.41 -21.25 43.06
CA LYS B 162 2.19 -21.79 43.63
C LYS B 162 2.30 -23.23 44.03
N SER B 163 3.10 -24.02 43.29
CA SER B 163 2.96 -25.48 43.33
C SER B 163 4.29 -26.18 43.37
N GLY B 164 5.33 -25.37 43.37
CA GLY B 164 6.72 -25.81 43.51
C GLY B 164 7.33 -26.47 42.29
N GLN B 165 6.51 -26.65 41.28
CA GLN B 165 6.87 -27.45 40.09
C GLN B 165 7.73 -26.66 39.07
N PHE B 166 8.69 -27.39 38.51
CA PHE B 166 9.61 -26.88 37.44
C PHE B 166 9.04 -27.33 36.08
N PRO B 167 9.37 -26.61 35.00
CA PRO B 167 9.00 -27.09 33.66
C PRO B 167 9.64 -28.43 33.32
N ASP B 168 8.95 -29.18 32.48
CA ASP B 168 9.41 -30.50 32.03
C ASP B 168 9.37 -30.58 30.53
N PRO B 169 10.55 -30.59 29.92
CA PRO B 169 10.52 -30.68 28.46
C PRO B 169 9.73 -31.90 27.94
N ASP B 170 9.56 -32.95 28.75
CA ASP B 170 8.86 -34.15 28.22
C ASP B 170 7.43 -33.79 27.88
N SER B 171 7.01 -32.64 28.39
CA SER B 171 5.63 -32.17 28.22
C SER B 171 5.31 -31.72 26.81
N THR B 172 6.34 -31.55 25.98
CA THR B 172 6.17 -31.04 24.62
C THR B 172 6.87 -31.96 23.62
N ASP B 173 6.30 -32.04 22.43
CA ASP B 173 6.89 -32.82 21.35
C ASP B 173 7.71 -31.96 20.37
N ASN B 174 7.66 -30.65 20.60
CA ASN B 174 8.34 -29.72 19.72
C ASN B 174 9.76 -29.60 20.24
N ALA B 175 10.69 -30.01 19.41
CA ALA B 175 12.08 -30.12 19.81
C ALA B 175 12.67 -28.80 20.30
N GLU B 176 12.35 -27.72 19.63
CA GLU B 176 12.86 -26.42 20.04
C GLU B 176 12.21 -25.98 21.35
N PHE B 177 10.93 -26.25 21.51
CA PHE B 177 10.30 -25.82 22.74
C PHE B 177 10.81 -26.62 23.96
N LYS B 178 11.25 -27.85 23.73
CA LYS B 178 11.92 -28.59 24.80
C LYS B 178 13.14 -27.83 25.34
N ILE B 179 13.89 -27.21 24.42
CA ILE B 179 15.06 -26.39 24.79
C ILE B 179 14.65 -25.17 25.59
N VAL B 180 13.57 -24.52 25.16
CA VAL B 180 13.07 -23.36 25.86
C VAL B 180 12.70 -23.73 27.31
N LEU B 181 11.96 -24.81 27.46
CA LEU B 181 11.48 -25.19 28.79
C LEU B 181 12.67 -25.58 29.65
N SER B 182 13.69 -26.20 29.07
CA SER B 182 14.92 -26.54 29.79
CA SER B 182 14.87 -26.55 29.84
C SER B 182 15.69 -25.30 30.28
N ILE B 183 15.80 -24.29 29.41
CA ILE B 183 16.39 -23.01 29.79
C ILE B 183 15.65 -22.43 31.00
N ILE B 184 14.33 -22.42 30.93
CA ILE B 184 13.51 -21.83 31.98
C ILE B 184 13.71 -22.62 33.26
N LYS B 185 13.66 -23.95 33.16
CA LYS B 185 13.89 -24.83 34.32
C LYS B 185 15.18 -24.47 35.04
N GLU B 186 16.27 -24.42 34.30
CA GLU B 186 17.59 -24.13 34.87
C GLU B 186 17.64 -22.71 35.44
N GLY B 187 16.92 -21.77 34.81
CA GLY B 187 16.94 -20.38 35.24
C GLY B 187 16.20 -20.20 36.58
N LEU B 188 15.28 -21.10 36.87
CA LEU B 188 14.55 -21.06 38.14
C LEU B 188 15.51 -21.38 39.28
N LYS B 189 16.62 -22.06 39.01
CA LYS B 189 17.58 -22.40 40.04
C LYS B 189 18.45 -21.19 40.42
N THR B 190 18.55 -20.20 39.53
CA THR B 190 19.38 -19.03 39.75
CA THR B 190 19.39 -18.98 39.63
C THR B 190 18.54 -17.82 40.19
N ASP B 191 17.37 -17.63 39.60
CA ASP B 191 16.49 -16.53 39.99
C ASP B 191 15.07 -16.82 39.63
N PRO B 192 14.32 -17.42 40.54
CA PRO B 192 12.96 -17.83 40.24
C PRO B 192 11.94 -16.70 40.22
N LYS B 193 12.39 -15.45 40.38
CA LYS B 193 11.52 -14.29 40.17
C LYS B 193 11.98 -13.35 39.05
N ARG B 194 12.94 -13.81 38.26
CA ARG B 194 13.55 -13.07 37.18
CA ARG B 194 13.56 -12.97 37.23
C ARG B 194 12.51 -12.35 36.33
N TYR B 195 11.59 -13.16 35.87
CA TYR B 195 10.63 -12.72 34.85
C TYR B 195 9.53 -11.96 35.46
N HIS B 196 9.18 -12.27 36.71
CA HIS B 196 8.19 -11.45 37.45
C HIS B 196 8.70 -10.09 37.72
N LYS B 197 9.98 -9.97 38.06
CA LYS B 197 10.55 -8.66 38.27
C LYS B 197 10.54 -7.87 36.95
N MET B 198 10.74 -8.58 35.87
CA MET B 198 10.83 -7.95 34.56
C MET B 198 9.46 -7.46 34.21
N LYS B 199 8.47 -8.32 34.41
CA LYS B 199 7.05 -8.04 34.10
C LYS B 199 6.66 -6.73 34.73
N ASP B 200 7.25 -6.44 35.89
CA ASP B 200 6.86 -5.28 36.69
C ASP B 200 7.61 -4.03 36.28
N ARG B 201 8.78 -4.21 35.67
CA ARG B 201 9.65 -3.09 35.33
C ARG B 201 9.60 -2.72 33.84
N VAL B 202 9.38 -3.69 32.97
CA VAL B 202 9.45 -3.42 31.53
C VAL B 202 8.38 -2.42 31.13
N VAL B 203 8.83 -1.38 30.44
CA VAL B 203 8.01 -0.28 29.94
CA VAL B 203 7.87 -0.35 29.99
C VAL B 203 7.32 -0.66 28.63
N GLY B 204 8.00 -1.45 27.82
CA GLY B 204 7.42 -1.90 26.57
C GLY B 204 8.44 -2.60 25.71
N VAL B 205 7.87 -3.19 24.67
CA VAL B 205 8.62 -3.84 23.60
C VAL B 205 8.31 -3.12 22.28
N SER B 206 9.34 -2.97 21.42
CA SER B 206 9.16 -2.54 20.03
C SER B 206 9.55 -3.67 19.12
N GLU B 207 8.58 -4.10 18.31
CA GLU B 207 8.69 -5.28 17.52
C GLU B 207 8.87 -4.96 16.05
N GLU B 208 9.89 -5.57 15.47
CA GLU B 208 10.37 -5.32 14.14
C GLU B 208 9.63 -5.97 12.99
N THR B 209 9.10 -7.18 13.12
CA THR B 209 8.76 -7.95 11.93
C THR B 209 7.35 -8.49 11.99
N THR B 210 6.84 -8.80 10.80
CA THR B 210 5.47 -9.25 10.63
C THR B 210 5.11 -10.44 11.54
N THR B 211 5.98 -11.44 11.58
CA THR B 211 5.75 -12.63 12.43
C THR B 211 5.68 -12.27 13.89
N GLY B 212 6.54 -11.37 14.31
CA GLY B 212 6.52 -10.91 15.70
C GLY B 212 5.23 -10.20 16.06
N VAL B 213 4.78 -9.36 15.14
CA VAL B 213 3.58 -8.60 15.38
C VAL B 213 2.36 -9.55 15.41
N LYS B 214 2.33 -10.58 14.56
CA LYS B 214 1.25 -11.56 14.61
C LYS B 214 1.18 -12.17 16.02
N ARG B 215 2.34 -12.52 16.56
CA ARG B 215 2.42 -13.07 17.91
C ARG B 215 1.95 -12.10 18.96
N LEU B 216 2.31 -10.83 18.83
CA LEU B 216 1.80 -9.82 19.75
C LEU B 216 0.27 -9.73 19.76
N TYR B 217 -0.34 -9.76 18.57
CA TYR B 217 -1.80 -9.71 18.54
CA TYR B 217 -1.79 -9.62 18.49
C TYR B 217 -2.46 -10.89 19.13
N GLN B 218 -1.83 -12.07 19.02
CA GLN B 218 -2.33 -13.29 19.66
C GLN B 218 -2.36 -13.10 21.18
N MET B 219 -1.31 -12.51 21.70
CA MET B 219 -1.22 -12.30 23.18
C MET B 219 -2.19 -11.22 23.63
N GLN B 220 -2.39 -10.20 22.80
CA GLN B 220 -3.37 -9.20 23.16
C GLN B 220 -4.76 -9.83 23.12
N ALA B 221 -5.04 -10.66 22.12
CA ALA B 221 -6.38 -11.25 21.94
C ALA B 221 -6.72 -12.17 23.09
N ASN B 222 -5.72 -12.85 23.61
CA ASN B 222 -5.95 -13.86 24.65
C ASN B 222 -5.74 -13.28 26.04
N GLY B 223 -5.48 -11.97 26.08
CA GLY B 223 -5.31 -11.25 27.37
C GLY B 223 -4.06 -11.58 28.16
N THR B 224 -3.05 -12.14 27.48
CA THR B 224 -1.80 -12.54 28.14
C THR B 224 -0.62 -11.56 27.98
N LEU B 225 -0.76 -10.62 27.06
CA LEU B 225 0.32 -9.67 26.82
C LEU B 225 0.63 -8.90 28.11
N LEU B 226 1.89 -8.85 28.49
CA LEU B 226 2.28 -8.36 29.80
C LEU B 226 2.65 -6.88 29.83
N PHE B 227 2.94 -6.31 28.69
CA PHE B 227 3.40 -4.92 28.67
C PHE B 227 3.06 -4.33 27.30
N PRO B 228 3.13 -3.01 27.18
CA PRO B 228 2.84 -2.36 25.90
C PRO B 228 3.79 -2.79 24.80
N ALA B 229 3.28 -2.73 23.58
CA ALA B 229 4.08 -3.07 22.39
C ALA B 229 3.84 -2.00 21.35
N ILE B 230 4.93 -1.59 20.73
CA ILE B 230 4.89 -0.80 19.50
C ILE B 230 5.26 -1.71 18.34
N ASN B 231 4.33 -1.77 17.40
CA ASN B 231 4.48 -2.47 16.15
C ASN B 231 5.23 -1.57 15.17
N VAL B 232 6.54 -1.76 15.11
CA VAL B 232 7.40 -1.03 14.18
C VAL B 232 7.24 -1.55 12.75
N ASN B 233 6.96 -2.85 12.57
CA ASN B 233 6.88 -3.39 11.22
C ASN B 233 5.91 -2.59 10.40
N ASP B 234 4.79 -2.19 10.99
CA ASP B 234 3.69 -1.55 10.22
CA ASP B 234 3.73 -1.52 10.22
C ASP B 234 3.78 -0.02 10.12
N SER B 235 4.92 0.56 10.50
CA SER B 235 5.21 1.91 10.02
C SER B 235 5.30 1.76 8.49
N VAL B 236 4.82 2.76 7.77
CA VAL B 236 4.97 2.75 6.31
C VAL B 236 6.41 2.69 5.88
N THR B 237 7.24 3.43 6.61
CA THR B 237 8.65 3.53 6.33
C THR B 237 9.44 2.30 6.79
N LYS B 238 8.74 1.32 7.32
CA LYS B 238 9.33 -0.02 7.59
C LYS B 238 8.75 -1.03 6.57
N SER B 239 7.49 -1.42 6.73
CA SER B 239 6.86 -2.42 5.88
C SER B 239 7.03 -2.20 4.38
N LYS B 240 6.90 -0.94 3.96
N LYS B 240 6.92 -0.96 3.93
CA LYS B 240 6.90 -0.62 2.52
CA LYS B 240 6.92 -0.75 2.48
C LYS B 240 8.27 -0.33 1.98
C LYS B 240 8.28 -0.35 1.96
N PHE B 241 9.26 -0.50 2.82
CA PHE B 241 10.67 -0.22 2.46
C PHE B 241 11.54 -1.42 2.76
N ASP B 242 11.82 -1.70 3.99
CA ASP B 242 12.58 -2.92 4.39
C ASP B 242 11.97 -4.18 3.84
N ASN B 243 10.70 -4.46 4.10
CA ASN B 243 10.18 -5.78 3.75
C ASN B 243 10.21 -5.97 2.22
N LEU B 244 9.95 -4.88 1.50
CA LEU B 244 9.85 -4.85 0.05
C LEU B 244 11.21 -4.64 -0.60
N TYR B 245 11.76 -3.42 -0.53
CA TYR B 245 13.02 -3.09 -1.18
C TYR B 245 14.21 -3.77 -0.51
N GLY B 246 14.15 -4.04 0.78
CA GLY B 246 15.22 -4.79 1.42
C GLY B 246 15.38 -6.13 0.83
N CYS B 247 14.29 -6.87 0.75
CA CYS B 247 14.30 -8.19 0.14
C CYS B 247 14.63 -8.19 -1.35
N ARG B 248 14.20 -7.15 -2.04
CA ARG B 248 14.57 -6.97 -3.44
C ARG B 248 16.12 -6.93 -3.60
N HIS B 249 16.82 -6.37 -2.61
CA HIS B 249 18.28 -6.41 -2.56
C HIS B 249 18.84 -7.78 -2.08
N SER B 250 18.38 -8.22 -0.93
CA SER B 250 19.03 -9.29 -0.21
C SER B 250 18.66 -10.72 -0.62
N LEU B 251 17.50 -10.88 -1.28
CA LEU B 251 17.17 -12.18 -1.85
CA LEU B 251 17.16 -12.19 -1.84
C LEU B 251 18.18 -12.59 -2.91
N PRO B 252 18.39 -11.76 -3.94
CA PRO B 252 19.33 -12.19 -4.96
C PRO B 252 20.74 -12.32 -4.37
N ASP B 253 21.10 -11.45 -3.42
CA ASP B 253 22.42 -11.54 -2.79
C ASP B 253 22.58 -12.92 -2.15
N GLY B 254 21.60 -13.35 -1.39
CA GLY B 254 21.67 -14.69 -0.77
C GLY B 254 21.79 -15.80 -1.77
N LEU B 255 21.01 -15.71 -2.86
CA LEU B 255 21.11 -16.78 -3.89
C LEU B 255 22.47 -16.82 -4.52
N MET B 256 22.98 -15.65 -4.88
CA MET B 256 24.24 -15.59 -5.59
CA MET B 256 24.25 -15.58 -5.55
C MET B 256 25.39 -16.05 -4.68
N ARG B 257 25.45 -15.60 -3.43
CA ARG B 257 26.54 -16.03 -2.57
C ARG B 257 26.46 -17.54 -2.30
N ALA B 258 25.24 -18.03 -2.08
CA ALA B 258 25.09 -19.42 -1.65
C ALA B 258 25.35 -20.44 -2.74
N THR B 259 25.02 -20.07 -3.97
CA THR B 259 25.00 -20.99 -5.11
CA THR B 259 24.94 -20.99 -5.10
C THR B 259 25.68 -20.52 -6.37
N ASP B 260 25.84 -19.21 -6.49
CA ASP B 260 26.36 -18.62 -7.71
C ASP B 260 25.54 -18.91 -8.95
N VAL B 261 24.29 -19.36 -8.76
CA VAL B 261 23.45 -19.81 -9.91
C VAL B 261 23.02 -18.58 -10.73
N MET B 262 22.96 -18.78 -12.04
CA MET B 262 22.35 -17.77 -12.88
C MET B 262 20.86 -17.74 -12.62
N ILE B 263 20.32 -16.59 -12.32
CA ILE B 263 18.88 -16.40 -12.12
C ILE B 263 18.19 -16.20 -13.46
N ALA B 264 18.84 -15.45 -14.34
CA ALA B 264 18.32 -15.24 -15.70
C ALA B 264 18.07 -16.56 -16.37
N GLY B 265 16.93 -16.67 -17.01
CA GLY B 265 16.55 -17.82 -17.77
C GLY B 265 15.86 -18.91 -16.99
N LYS B 266 15.84 -18.80 -15.66
CA LYS B 266 15.26 -19.81 -14.79
C LYS B 266 13.78 -19.51 -14.53
N VAL B 267 13.09 -20.53 -14.03
CA VAL B 267 11.75 -20.39 -13.43
C VAL B 267 11.92 -20.35 -11.92
N ALA B 268 11.41 -19.31 -11.29
CA ALA B 268 11.45 -19.13 -9.87
C ALA B 268 10.05 -19.04 -9.32
N VAL B 269 9.76 -19.78 -8.27
CA VAL B 269 8.50 -19.77 -7.56
C VAL B 269 8.67 -18.97 -6.29
N VAL B 270 7.79 -18.00 -6.10
CA VAL B 270 7.71 -17.22 -4.88
C VAL B 270 6.40 -17.56 -4.20
N ALA B 271 6.49 -18.21 -3.04
CA ALA B 271 5.27 -18.53 -2.27
C ALA B 271 4.97 -17.33 -1.39
N GLY B 272 3.83 -16.72 -1.64
CA GLY B 272 3.41 -15.52 -0.98
C GLY B 272 3.75 -14.25 -1.77
N TYR B 273 2.87 -13.28 -1.68
CA TYR B 273 3.00 -12.02 -2.42
C TYR B 273 2.54 -10.86 -1.56
N GLY B 274 2.96 -10.91 -0.32
CA GLY B 274 2.88 -9.78 0.58
C GLY B 274 4.05 -8.85 0.31
N ASP B 275 4.50 -8.13 1.33
CA ASP B 275 5.60 -7.17 1.09
C ASP B 275 6.87 -7.88 0.71
N VAL B 276 7.20 -8.92 1.47
CA VAL B 276 8.42 -9.69 1.20
C VAL B 276 8.33 -10.38 -0.17
N GLY B 277 7.19 -11.05 -0.44
CA GLY B 277 7.07 -11.73 -1.72
C GLY B 277 7.10 -10.78 -2.90
N LYS B 278 6.51 -9.59 -2.73
CA LYS B 278 6.58 -8.58 -3.79
C LYS B 278 8.01 -8.23 -4.07
N GLY B 279 8.83 -8.01 -3.05
CA GLY B 279 10.21 -7.60 -3.26
C GLY B 279 11.04 -8.74 -3.85
N CYS B 280 10.76 -9.98 -3.40
CA CYS B 280 11.48 -11.14 -3.92
C CYS B 280 11.13 -11.35 -5.42
N ALA B 281 9.83 -11.32 -5.71
CA ALA B 281 9.39 -11.47 -7.10
C ALA B 281 9.99 -10.40 -7.99
N ALA B 282 10.07 -9.20 -7.49
CA ALA B 282 10.62 -8.09 -8.23
C ALA B 282 12.08 -8.37 -8.54
N ALA B 283 12.84 -8.79 -7.56
CA ALA B 283 14.27 -9.07 -7.77
C ALA B 283 14.44 -10.16 -8.82
N LEU B 284 13.68 -11.22 -8.69
CA LEU B 284 13.81 -12.37 -9.59
C LEU B 284 13.44 -11.99 -11.01
N LYS B 285 12.32 -11.29 -11.20
CA LYS B 285 11.93 -10.85 -12.51
C LYS B 285 12.96 -9.90 -13.10
N GLN B 286 13.45 -8.97 -12.29
CA GLN B 286 14.46 -7.97 -12.68
CA GLN B 286 14.36 -7.98 -12.84
C GLN B 286 15.74 -8.64 -13.16
N ALA B 287 16.03 -9.80 -12.58
CA ALA B 287 17.25 -10.55 -12.92
C ALA B 287 17.06 -11.45 -14.15
N GLY B 288 15.86 -11.53 -14.70
CA GLY B 288 15.61 -12.35 -15.85
C GLY B 288 15.05 -13.72 -15.62
N ALA B 289 14.61 -14.00 -14.40
CA ALA B 289 13.83 -15.21 -14.16
C ALA B 289 12.39 -14.99 -14.55
N ARG B 290 11.74 -16.12 -14.84
CA ARG B 290 10.30 -16.15 -15.06
C ARG B 290 9.68 -16.55 -13.73
N VAL B 291 8.94 -15.65 -13.12
CA VAL B 291 8.47 -15.83 -11.74
C VAL B 291 6.99 -16.26 -11.70
N ILE B 292 6.76 -17.32 -10.92
CA ILE B 292 5.44 -17.85 -10.64
C ILE B 292 5.18 -17.64 -9.16
N VAL B 293 4.06 -17.04 -8.84
CA VAL B 293 3.62 -16.73 -7.47
C VAL B 293 2.57 -17.70 -7.01
N THR B 294 2.68 -18.12 -5.74
CA THR B 294 1.58 -18.81 -5.09
C THR B 294 0.99 -17.83 -4.05
N GLU B 295 -0.34 -17.90 -3.85
CA GLU B 295 -1.05 -17.06 -2.91
C GLU B 295 -2.33 -17.69 -2.47
N ILE B 296 -2.71 -17.32 -1.25
CA ILE B 296 -4.01 -17.63 -0.68
C ILE B 296 -4.97 -16.42 -0.69
N ASP B 297 -4.42 -15.23 -0.90
CA ASP B 297 -5.19 -13.98 -0.81
C ASP B 297 -5.47 -13.51 -2.21
N PRO B 298 -6.76 -13.38 -2.57
CA PRO B 298 -7.10 -13.07 -3.94
C PRO B 298 -6.66 -11.66 -4.35
N ILE B 299 -6.60 -10.72 -3.39
CA ILE B 299 -6.13 -9.39 -3.70
C ILE B 299 -4.66 -9.43 -4.08
N CYS B 300 -3.85 -10.11 -3.26
CA CYS B 300 -2.43 -10.20 -3.54
C CYS B 300 -2.22 -10.97 -4.84
N ALA B 301 -3.00 -12.03 -5.09
CA ALA B 301 -2.91 -12.78 -6.34
C ALA B 301 -3.17 -11.86 -7.54
N LEU B 302 -4.20 -11.05 -7.43
CA LEU B 302 -4.56 -10.17 -8.53
C LEU B 302 -3.44 -9.11 -8.75
N GLN B 303 -2.85 -8.62 -7.67
CA GLN B 303 -1.70 -7.73 -7.80
C GLN B 303 -0.58 -8.38 -8.61
N ALA B 304 -0.28 -9.64 -8.31
CA ALA B 304 0.79 -10.32 -8.99
C ALA B 304 0.51 -10.40 -10.47
N THR B 305 -0.73 -10.70 -10.81
CA THR B 305 -1.08 -10.84 -12.24
C THR B 305 -0.91 -9.52 -12.98
N MET B 306 -1.20 -8.42 -12.32
CA MET B 306 -1.03 -7.07 -12.89
C MET B 306 0.38 -6.72 -13.16
N GLU B 307 1.28 -7.39 -12.47
CA GLU B 307 2.71 -7.23 -12.65
C GLU B 307 3.26 -8.21 -13.63
N GLY B 308 2.39 -8.97 -14.29
CA GLY B 308 2.86 -9.84 -15.33
C GLY B 308 3.38 -11.17 -14.87
N LEU B 309 3.00 -11.57 -13.65
CA LEU B 309 3.45 -12.81 -13.05
C LEU B 309 2.32 -13.82 -13.09
N GLN B 310 2.64 -15.07 -13.39
CA GLN B 310 1.72 -16.18 -13.31
C GLN B 310 1.44 -16.53 -11.86
N VAL B 311 0.19 -16.85 -11.54
CA VAL B 311 -0.21 -17.28 -10.21
C VAL B 311 -0.76 -18.69 -10.32
N LEU B 312 -0.09 -19.66 -9.70
CA LEU B 312 -0.47 -21.06 -9.72
C LEU B 312 -0.30 -21.63 -8.30
N THR B 313 -0.80 -22.84 -8.10
CA THR B 313 -0.49 -23.55 -6.85
C THR B 313 0.90 -24.19 -7.00
N LEU B 314 1.51 -24.47 -5.85
CA LEU B 314 2.85 -25.06 -5.84
C LEU B 314 2.86 -26.38 -6.63
N GLU B 315 1.80 -27.13 -6.45
CA GLU B 315 1.72 -28.45 -7.06
C GLU B 315 1.81 -28.40 -8.59
N ASP B 316 1.37 -27.29 -9.18
CA ASP B 316 1.36 -27.05 -10.63
CA ASP B 316 1.39 -27.17 -10.64
C ASP B 316 2.75 -26.88 -11.23
N VAL B 317 3.70 -26.48 -10.38
CA VAL B 317 5.03 -26.03 -10.85
C VAL B 317 6.20 -26.69 -10.19
N VAL B 318 5.95 -27.57 -9.23
CA VAL B 318 7.03 -28.14 -8.44
C VAL B 318 8.06 -28.90 -9.24
N SER B 319 7.64 -29.57 -10.30
CA SER B 319 8.59 -30.35 -11.10
CA SER B 319 8.62 -30.36 -11.08
C SER B 319 9.41 -29.56 -12.12
N GLU B 320 8.98 -28.34 -12.37
CA GLU B 320 9.53 -27.48 -13.40
C GLU B 320 10.43 -26.39 -12.89
N ALA B 321 10.18 -25.90 -11.67
CA ALA B 321 10.86 -24.69 -11.26
C ALA B 321 12.29 -24.99 -10.82
N ASP B 322 13.12 -23.98 -10.96
CA ASP B 322 14.53 -24.02 -10.63
C ASP B 322 14.88 -23.52 -9.23
N ILE B 323 14.09 -22.57 -8.76
CA ILE B 323 14.31 -21.85 -7.50
C ILE B 323 12.96 -21.70 -6.85
N PHE B 324 12.92 -21.96 -5.54
CA PHE B 324 11.74 -21.80 -4.71
C PHE B 324 12.10 -20.90 -3.53
N VAL B 325 11.25 -19.92 -3.27
CA VAL B 325 11.45 -18.97 -2.18
C VAL B 325 10.15 -18.83 -1.43
N THR B 326 10.17 -19.16 -0.13
CA THR B 326 8.99 -18.96 0.72
C THR B 326 9.06 -17.64 1.44
N THR B 327 7.91 -16.93 1.45
CA THR B 327 7.82 -15.56 1.96
C THR B 327 6.60 -15.31 2.83
N THR B 328 6.02 -16.39 3.33
CA THR B 328 4.64 -16.32 3.82
C THR B 328 4.45 -15.86 5.26
N GLY B 329 5.41 -16.22 6.13
CA GLY B 329 5.17 -16.15 7.56
C GLY B 329 4.24 -17.21 8.05
N ASN B 330 3.89 -18.16 7.19
CA ASN B 330 3.02 -19.28 7.53
C ASN B 330 3.91 -20.48 7.77
N LYS B 331 3.34 -21.66 7.82
CA LYS B 331 4.09 -22.89 8.01
C LYS B 331 3.68 -23.86 6.93
N ASP B 332 4.54 -24.86 6.69
CA ASP B 332 4.18 -25.99 5.89
C ASP B 332 3.90 -25.65 4.43
N ILE B 333 4.75 -24.80 3.86
CA ILE B 333 4.60 -24.34 2.47
C ILE B 333 5.24 -25.31 1.49
N ILE B 334 6.47 -25.72 1.78
CA ILE B 334 7.20 -26.68 0.96
C ILE B 334 7.45 -27.92 1.77
N MET B 335 6.69 -28.96 1.46
CA MET B 335 6.72 -30.18 2.20
C MET B 335 7.65 -31.20 1.53
N LEU B 336 7.96 -32.25 2.26
CA LEU B 336 8.74 -33.34 1.68
CA LEU B 336 8.73 -33.32 1.69
C LEU B 336 8.10 -33.88 0.41
N ASP B 337 6.80 -33.98 0.40
CA ASP B 337 6.03 -34.42 -0.77
CA ASP B 337 6.21 -34.56 -0.81
C ASP B 337 6.38 -33.62 -2.04
N HIS B 338 6.51 -32.30 -1.84
CA HIS B 338 6.87 -31.37 -2.92
C HIS B 338 8.32 -31.59 -3.31
N MET B 339 9.21 -31.69 -2.31
CA MET B 339 10.63 -31.86 -2.54
CA MET B 339 10.61 -31.81 -2.60
C MET B 339 10.96 -33.05 -3.41
N LYS B 340 10.24 -34.15 -3.18
CA LYS B 340 10.44 -35.40 -3.92
C LYS B 340 10.17 -35.27 -5.41
N LYS B 341 9.44 -34.22 -5.79
CA LYS B 341 9.05 -33.98 -7.18
C LYS B 341 9.98 -32.98 -7.90
N MET B 342 10.90 -32.36 -7.17
CA MET B 342 11.71 -31.31 -7.70
C MET B 342 12.79 -31.88 -8.58
N LYS B 343 13.24 -31.07 -9.55
CA LYS B 343 14.33 -31.46 -10.43
C LYS B 343 15.66 -31.46 -9.69
N ASN B 344 16.65 -32.12 -10.29
CA ASN B 344 17.99 -32.11 -9.75
C ASN B 344 18.51 -30.72 -9.61
N ASN B 345 18.96 -30.43 -8.38
CA ASN B 345 19.59 -29.16 -8.01
C ASN B 345 18.68 -27.99 -7.99
N ALA B 346 17.38 -28.25 -7.89
CA ALA B 346 16.43 -27.17 -7.54
C ALA B 346 16.89 -26.56 -6.25
N ILE B 347 16.83 -25.23 -6.17
CA ILE B 347 17.21 -24.45 -4.99
C ILE B 347 15.97 -24.14 -4.19
N VAL B 348 16.00 -24.44 -2.89
CA VAL B 348 14.87 -24.28 -2.00
C VAL B 348 15.32 -23.42 -0.80
N CYS B 349 14.62 -22.32 -0.61
CA CYS B 349 14.97 -21.40 0.45
C CYS B 349 13.75 -20.70 1.00
N ASN B 350 13.98 -20.10 2.16
CA ASN B 350 12.99 -19.42 2.93
C ASN B 350 13.56 -18.05 3.34
N ILE B 351 12.74 -17.02 3.16
CA ILE B 351 13.06 -15.67 3.62
C ILE B 351 12.08 -15.13 4.63
N GLY B 352 11.06 -15.92 4.97
CA GLY B 352 10.22 -15.59 6.10
C GLY B 352 10.96 -15.81 7.43
N HIS B 353 10.38 -15.33 8.52
CA HIS B 353 11.10 -15.31 9.78
C HIS B 353 11.50 -16.66 10.32
N PHE B 354 10.64 -17.67 10.18
CA PHE B 354 10.90 -18.98 10.78
C PHE B 354 11.06 -20.08 9.75
N ASP B 355 11.91 -21.04 10.10
CA ASP B 355 12.27 -22.11 9.16
C ASP B 355 11.21 -23.13 8.83
N ASN B 356 10.14 -23.18 9.63
CA ASN B 356 9.05 -24.10 9.39
C ASN B 356 8.18 -23.84 8.15
N GLU B 357 8.48 -22.80 7.39
CA GLU B 357 7.91 -22.70 6.05
C GLU B 357 8.29 -23.88 5.18
N ILE B 358 9.50 -24.40 5.45
CA ILE B 358 10.04 -25.54 4.73
C ILE B 358 10.06 -26.75 5.67
N ASP B 359 9.72 -27.93 5.12
CA ASP B 359 9.62 -29.15 5.91
C ASP B 359 10.99 -29.81 6.14
N MET B 360 11.84 -29.12 6.88
CA MET B 360 13.14 -29.65 7.22
C MET B 360 13.04 -30.95 8.03
N LEU B 361 12.07 -31.00 8.93
CA LEU B 361 11.86 -32.25 9.70
C LEU B 361 11.59 -33.44 8.82
N GLY B 362 10.66 -33.29 7.89
CA GLY B 362 10.36 -34.32 6.92
C GLY B 362 11.55 -34.72 6.04
N LEU B 363 12.28 -33.72 5.58
CA LEU B 363 13.43 -33.97 4.75
C LEU B 363 14.44 -34.81 5.50
N GLU B 364 14.71 -34.43 6.74
CA GLU B 364 15.81 -35.05 7.46
C GLU B 364 15.52 -36.53 7.74
N THR B 365 14.25 -36.87 7.86
CA THR B 365 13.82 -38.24 8.13
C THR B 365 13.40 -39.04 6.93
N HIS B 366 13.58 -38.48 5.74
CA HIS B 366 13.22 -39.19 4.51
C HIS B 366 14.14 -40.40 4.34
N PRO B 367 13.59 -41.64 4.19
CA PRO B 367 14.50 -42.78 4.17
C PRO B 367 15.55 -42.68 3.10
N GLY B 368 16.81 -42.97 3.47
CA GLY B 368 17.87 -43.03 2.51
C GLY B 368 18.44 -41.71 2.06
N VAL B 369 17.85 -40.59 2.49
CA VAL B 369 18.35 -39.29 2.03
C VAL B 369 19.76 -39.08 2.53
N LYS B 370 20.54 -38.33 1.78
CA LYS B 370 21.92 -38.04 2.13
CA LYS B 370 21.91 -38.01 2.22
C LYS B 370 22.14 -36.53 2.06
N ARG B 371 22.51 -35.91 3.18
CA ARG B 371 22.89 -34.52 3.21
C ARG B 371 24.39 -34.33 2.90
N ILE B 372 24.72 -33.59 1.87
CA ILE B 372 26.08 -33.28 1.46
C ILE B 372 26.23 -31.74 1.62
N THR B 373 27.01 -31.33 2.58
CA THR B 373 27.27 -29.88 2.79
C THR B 373 28.26 -29.42 1.73
N ILE B 374 27.85 -28.46 0.90
CA ILE B 374 28.70 -27.88 -0.12
C ILE B 374 29.70 -26.89 0.52
N LYS B 375 29.13 -26.10 1.40
CA LYS B 375 29.82 -25.08 2.19
C LYS B 375 28.83 -24.62 3.26
N PRO B 376 29.28 -23.83 4.26
CA PRO B 376 28.31 -23.50 5.27
C PRO B 376 27.06 -22.81 4.70
N GLN B 377 25.91 -23.34 5.07
CA GLN B 377 24.58 -22.85 4.70
C GLN B 377 24.17 -23.12 3.25
N THR B 378 24.92 -23.96 2.57
CA THR B 378 24.50 -24.55 1.29
C THR B 378 24.63 -26.06 1.36
N ASP B 379 23.46 -26.73 1.42
CA ASP B 379 23.41 -28.17 1.59
C ASP B 379 22.68 -28.82 0.44
N ARG B 380 23.26 -29.85 -0.13
CA ARG B 380 22.60 -30.65 -1.19
C ARG B 380 22.10 -31.92 -0.57
N TRP B 381 20.80 -32.11 -0.61
CA TRP B 381 20.14 -33.30 -0.10
C TRP B 381 19.83 -34.19 -1.28
N VAL B 382 20.40 -35.40 -1.25
CA VAL B 382 20.26 -36.34 -2.34
C VAL B 382 19.17 -37.36 -2.02
N PHE B 383 18.21 -37.38 -2.91
CA PHE B 383 17.09 -38.33 -2.85
C PHE B 383 17.52 -39.62 -3.49
N PRO B 384 17.38 -40.74 -2.76
CA PRO B 384 17.89 -41.97 -3.28
C PRO B 384 17.10 -42.54 -4.46
N GLU B 385 15.83 -42.19 -4.50
CA GLU B 385 14.93 -42.72 -5.50
C GLU B 385 15.35 -42.36 -6.89
N THR B 386 15.92 -41.16 -6.98
CA THR B 386 16.27 -40.60 -8.25
C THR B 386 17.76 -40.32 -8.44
N ASN B 387 18.53 -40.36 -7.37
CA ASN B 387 19.91 -39.91 -7.37
C ASN B 387 20.00 -38.48 -7.87
N THR B 388 19.04 -37.68 -7.44
CA THR B 388 19.08 -36.25 -7.68
C THR B 388 18.95 -35.54 -6.37
N GLY B 389 19.33 -34.28 -6.38
CA GLY B 389 19.41 -33.49 -5.18
C GLY B 389 18.55 -32.26 -5.19
N ILE B 390 18.34 -31.72 -4.02
CA ILE B 390 17.83 -30.34 -3.91
C ILE B 390 18.81 -29.57 -3.04
N ILE B 391 18.92 -28.30 -3.28
CA ILE B 391 19.86 -27.44 -2.59
C ILE B 391 19.08 -26.59 -1.60
N ILE B 392 19.27 -26.87 -0.32
CA ILE B 392 18.60 -26.15 0.75
C ILE B 392 19.56 -25.08 1.25
N LEU B 393 19.07 -23.86 1.37
CA LEU B 393 19.86 -22.75 1.87
C LEU B 393 19.57 -22.49 3.33
N ALA B 394 20.66 -22.36 4.08
CA ALA B 394 20.61 -22.00 5.50
C ALA B 394 19.74 -22.90 6.35
N GLU B 395 19.67 -24.17 5.98
CA GLU B 395 18.81 -25.13 6.70
C GLU B 395 17.40 -24.61 6.89
N GLY B 396 16.93 -23.88 5.87
CA GLY B 396 15.54 -23.35 5.89
C GLY B 396 15.37 -22.04 6.65
N ARG B 397 16.41 -21.57 7.30
CA ARG B 397 16.33 -20.32 8.08
C ARG B 397 16.46 -19.13 7.11
N LEU B 398 16.11 -17.95 7.56
CA LEU B 398 16.14 -16.75 6.71
C LEU B 398 17.33 -16.69 5.84
N MET B 399 17.14 -16.80 4.53
CA MET B 399 18.26 -17.07 3.64
C MET B 399 19.13 -15.85 3.38
N ASN B 400 18.53 -14.67 3.46
CA ASN B 400 19.22 -13.43 3.11
C ASN B 400 20.28 -13.13 4.14
N LEU B 401 19.91 -13.26 5.40
CA LEU B 401 20.81 -13.13 6.52
C LEU B 401 21.71 -14.36 6.70
N GLY B 402 21.22 -15.54 6.38
CA GLY B 402 22.00 -16.73 6.61
C GLY B 402 23.06 -16.97 5.58
N CYS B 403 22.79 -16.63 4.32
CA CYS B 403 23.69 -16.86 3.22
C CYS B 403 24.40 -15.60 2.72
N ALA B 404 23.93 -14.41 3.12
CA ALA B 404 24.55 -13.18 2.72
C ALA B 404 24.60 -12.29 3.94
N THR B 405 24.18 -11.06 3.84
CA THR B 405 24.32 -10.11 4.95
C THR B 405 22.98 -9.39 5.27
N GLY B 406 21.88 -9.98 4.82
CA GLY B 406 20.62 -9.32 4.92
C GLY B 406 20.54 -8.00 4.18
N HIS B 407 19.62 -7.17 4.61
CA HIS B 407 19.35 -5.92 3.92
C HIS B 407 20.55 -4.99 4.05
N PRO B 408 20.65 -4.00 3.15
CA PRO B 408 21.68 -2.98 3.22
C PRO B 408 21.36 -1.91 4.24
N SER B 409 22.39 -1.15 4.58
CA SER B 409 22.31 -0.11 5.59
C SER B 409 21.23 0.90 5.32
N PHE B 410 21.13 1.42 4.11
CA PHE B 410 20.25 2.56 3.91
C PHE B 410 18.82 2.20 4.30
N VAL B 411 18.32 1.04 3.85
CA VAL B 411 16.95 0.68 4.16
C VAL B 411 16.78 0.30 5.64
N MET B 412 17.83 -0.31 6.21
CA MET B 412 17.79 -0.58 7.64
C MET B 412 17.79 0.68 8.47
N SER B 413 18.33 1.78 7.96
CA SER B 413 18.24 3.03 8.68
C SER B 413 16.77 3.46 8.78
N CYS B 414 15.96 3.18 7.76
CA CYS B 414 14.56 3.51 7.83
C CYS B 414 13.92 2.66 8.94
N SER B 415 14.13 1.35 8.88
CA SER B 415 13.55 0.49 9.93
C SER B 415 14.01 0.89 11.31
N PHE B 416 15.29 1.13 11.43
CA PHE B 416 15.86 1.31 12.75
C PHE B 416 15.66 2.72 13.31
N THR B 417 15.45 3.71 12.47
CA THR B 417 15.05 5.03 12.99
C THR B 417 13.63 4.90 13.56
N ASN B 418 12.77 4.08 12.97
CA ASN B 418 11.48 3.74 13.59
C ASN B 418 11.70 3.08 14.95
N GLN B 419 12.65 2.17 15.04
CA GLN B 419 12.96 1.51 16.33
C GLN B 419 13.36 2.57 17.39
N VAL B 420 14.22 3.50 17.03
CA VAL B 420 14.68 4.53 17.95
C VAL B 420 13.50 5.38 18.42
N ILE B 421 12.66 5.79 17.49
CA ILE B 421 11.46 6.57 17.83
C ILE B 421 10.58 5.79 18.75
N ALA B 422 10.39 4.50 18.45
CA ALA B 422 9.52 3.65 19.27
C ALA B 422 10.04 3.53 20.70
N GLN B 423 11.33 3.31 20.82
CA GLN B 423 11.95 3.18 22.12
C GLN B 423 11.82 4.48 22.90
N LEU B 424 12.07 5.59 22.21
CA LEU B 424 11.96 6.91 22.86
C LEU B 424 10.53 7.16 23.34
N GLU B 425 9.57 6.82 22.52
CA GLU B 425 8.19 7.02 22.88
CA GLU B 425 8.13 6.97 22.87
C GLU B 425 7.80 6.18 24.11
N LEU B 426 8.15 4.90 24.11
CA LEU B 426 7.82 4.01 25.23
C LEU B 426 8.45 4.57 26.50
N TRP B 427 9.73 4.97 26.41
CA TRP B 427 10.47 5.46 27.59
C TRP B 427 9.95 6.81 28.06
N ASN B 428 9.69 7.69 27.14
CA ASN B 428 9.27 9.01 27.50
C ASN B 428 7.84 9.02 28.06
N GLU B 429 7.00 8.07 27.67
CA GLU B 429 5.55 8.13 27.93
C GLU B 429 5.17 7.20 29.03
N LYS B 430 6.16 6.67 29.69
CA LYS B 430 5.88 5.56 30.58
C LYS B 430 4.96 5.90 31.78
N SER B 431 4.86 7.18 32.12
CA SER B 431 4.12 7.58 33.34
C SER B 431 2.79 8.32 33.03
N SER B 432 2.26 8.17 31.85
N SER B 432 2.33 8.14 31.81
CA SER B 432 0.82 8.32 31.77
CA SER B 432 1.17 8.86 31.29
C SER B 432 0.34 6.89 31.65
C SER B 432 -0.09 7.99 31.05
N GLY B 433 -0.78 6.73 30.96
N GLY B 433 0.04 6.67 31.05
CA GLY B 433 -1.27 5.44 30.51
CA GLY B 433 -1.06 5.76 30.71
C GLY B 433 -1.48 5.73 29.06
C GLY B 433 -1.34 5.69 29.22
N LYS B 434 -0.53 6.42 28.45
CA LYS B 434 -0.67 6.53 27.04
C LYS B 434 -0.74 5.12 26.49
N TYR B 435 0.10 4.24 27.05
CA TYR B 435 0.23 2.88 26.49
C TYR B 435 -0.22 1.85 27.52
N GLU B 436 -1.27 1.14 27.15
CA GLU B 436 -1.77 -0.02 27.87
C GLU B 436 -1.08 -1.29 27.36
N LYS B 437 -1.45 -2.44 27.91
CA LYS B 437 -0.89 -3.73 27.46
C LYS B 437 -1.55 -4.18 26.19
N LYS B 438 -1.26 -3.37 25.18
CA LYS B 438 -1.85 -3.47 23.84
C LYS B 438 -0.78 -3.16 22.83
N VAL B 439 -1.12 -3.42 21.58
CA VAL B 439 -0.27 -3.13 20.41
C VAL B 439 -0.63 -1.81 19.78
N TYR B 440 0.37 -0.94 19.60
CA TYR B 440 0.23 0.40 19.03
C TYR B 440 1.13 0.57 17.82
N VAL B 441 0.80 1.53 16.94
CA VAL B 441 1.70 1.96 15.87
C VAL B 441 2.11 3.42 16.09
N LEU B 442 3.23 3.79 15.51
CA LEU B 442 3.68 5.15 15.59
C LEU B 442 2.79 6.06 14.73
N PRO B 443 2.65 7.33 15.14
CA PRO B 443 1.81 8.23 14.40
C PRO B 443 2.43 8.62 13.08
N LYS B 444 1.57 9.01 12.17
CA LYS B 444 2.00 9.28 10.81
C LYS B 444 3.04 10.39 10.72
N HIS B 445 2.95 11.43 11.54
CA HIS B 445 3.94 12.47 11.41
C HIS B 445 5.34 11.98 11.72
N LEU B 446 5.47 10.95 12.54
CA LEU B 446 6.79 10.40 12.85
C LEU B 446 7.26 9.46 11.71
N ASP B 447 6.32 8.73 11.14
CA ASP B 447 6.57 7.88 9.97
C ASP B 447 7.13 8.78 8.87
N GLU B 448 6.44 9.90 8.61
CA GLU B 448 6.91 10.88 7.65
C GLU B 448 8.29 11.41 7.96
N LYS B 449 8.53 11.70 9.24
CA LYS B 449 9.84 12.18 9.64
C LYS B 449 10.91 11.20 9.27
N VAL B 450 10.69 9.91 9.48
CA VAL B 450 11.70 8.91 9.09
C VAL B 450 12.03 9.11 7.60
N ALA B 451 11.02 9.17 6.75
CA ALA B 451 11.31 9.33 5.32
C ALA B 451 12.09 10.61 5.03
N ALA B 452 11.64 11.68 5.63
CA ALA B 452 12.25 12.99 5.41
C ALA B 452 13.72 12.99 5.75
N LEU B 453 14.08 12.24 6.77
CA LEU B 453 15.49 12.15 7.21
C LEU B 453 16.40 11.46 6.22
N HIS B 454 15.81 10.71 5.29
CA HIS B 454 16.61 9.98 4.31
C HIS B 454 16.67 10.57 2.89
N LEU B 455 15.94 11.67 2.68
CA LEU B 455 15.90 12.27 1.35
C LEU B 455 17.15 12.98 0.93
N GLU B 456 17.77 13.76 1.84
CA GLU B 456 18.92 14.54 1.44
C GLU B 456 20.10 13.69 0.98
N LYS B 457 20.29 12.55 1.63
CA LYS B 457 21.34 11.63 1.24
C LYS B 457 21.22 11.28 -0.23
N LEU B 458 19.99 11.10 -0.68
CA LEU B 458 19.72 10.72 -2.07
C LEU B 458 19.55 11.89 -3.03
N GLY B 459 19.65 13.11 -2.53
CA GLY B 459 19.52 14.31 -3.40
C GLY B 459 18.09 14.58 -3.82
N ALA B 460 17.11 13.93 -3.17
CA ALA B 460 15.69 14.14 -3.48
C ALA B 460 15.23 15.48 -2.92
N LYS B 461 14.65 16.30 -3.77
CA LYS B 461 14.20 17.65 -3.43
CA LYS B 461 14.19 17.62 -3.36
C LYS B 461 12.69 17.69 -3.35
N LEU B 462 12.19 17.90 -2.16
CA LEU B 462 10.78 17.92 -1.86
C LEU B 462 10.24 19.32 -2.15
N THR B 463 9.04 19.33 -2.69
CA THR B 463 8.24 20.53 -2.86
C THR B 463 7.50 20.89 -1.58
N LYS B 464 7.41 22.19 -1.30
CA LYS B 464 6.64 22.71 -0.19
C LYS B 464 5.30 23.21 -0.66
N LEU B 465 4.24 22.77 -0.02
CA LEU B 465 2.92 23.28 -0.32
C LEU B 465 2.83 24.73 0.07
N SER B 466 2.12 25.52 -0.75
CA SER B 466 1.65 26.79 -0.26
C SER B 466 0.54 26.55 0.74
N LYS B 467 0.27 27.58 1.52
CA LYS B 467 -0.86 27.52 2.43
C LYS B 467 -2.16 27.23 1.73
N ASP B 468 -2.38 27.87 0.57
CA ASP B 468 -3.60 27.64 -0.22
C ASP B 468 -3.71 26.20 -0.72
N GLN B 469 -2.58 25.69 -1.23
CA GLN B 469 -2.58 24.32 -1.68
C GLN B 469 -2.86 23.33 -0.53
N ALA B 470 -2.25 23.58 0.63
CA ALA B 470 -2.44 22.65 1.76
C ALA B 470 -3.93 22.62 2.19
N ASP B 471 -4.55 23.79 2.17
CA ASP B 471 -5.99 23.90 2.46
C ASP B 471 -6.82 23.11 1.45
N TYR B 472 -6.44 23.21 0.17
CA TYR B 472 -7.21 22.61 -0.88
C TYR B 472 -7.30 21.08 -0.76
N ILE B 473 -6.20 20.47 -0.30
CA ILE B 473 -6.13 19.02 -0.13
C ILE B 473 -6.35 18.58 1.30
N SER B 474 -6.63 19.56 2.17
CA SER B 474 -7.05 19.29 3.55
C SER B 474 -5.93 18.67 4.38
N VAL B 475 -4.74 19.24 4.26
CA VAL B 475 -3.60 18.77 5.05
C VAL B 475 -2.85 19.97 5.59
N PRO B 476 -2.11 19.79 6.67
CA PRO B 476 -1.23 20.88 7.11
C PRO B 476 0.04 21.01 6.23
N VAL B 477 0.56 22.19 6.10
CA VAL B 477 1.78 22.43 5.31
C VAL B 477 2.91 21.48 5.76
N GLU B 478 2.98 21.21 7.06
CA GLU B 478 4.01 20.37 7.66
C GLU B 478 3.60 18.94 7.79
N GLY B 479 2.43 18.61 7.26
CA GLY B 479 1.92 17.26 7.36
C GLY B 479 1.24 17.00 8.68
N PRO B 480 0.71 15.80 8.87
CA PRO B 480 0.76 14.67 7.93
C PRO B 480 -0.01 14.93 6.63
N TYR B 481 0.41 14.21 5.61
CA TYR B 481 -0.06 14.53 4.29
C TYR B 481 -1.15 13.60 3.75
N LYS B 482 -1.38 12.50 4.44
CA LYS B 482 -2.27 11.47 3.99
C LYS B 482 -3.25 11.10 5.11
N PRO B 483 -4.44 10.61 4.72
CA PRO B 483 -5.40 10.13 5.69
C PRO B 483 -4.93 8.87 6.41
N PHE B 484 -5.56 8.67 7.53
CA PHE B 484 -5.18 7.59 8.42
C PHE B 484 -5.08 6.25 7.72
N HIS B 485 -6.03 6.00 6.84
CA HIS B 485 -6.16 4.72 6.15
C HIS B 485 -5.36 4.63 4.82
N TYR B 486 -4.54 5.65 4.55
CA TYR B 486 -3.81 5.63 3.26
C TYR B 486 -2.83 4.48 3.20
N ARG B 487 -2.78 3.87 2.02
CA ARG B 487 -2.01 2.64 1.84
C ARG B 487 -0.68 2.79 1.13
N TYR B 488 -0.43 3.96 0.53
CA TYR B 488 0.83 4.22 -0.22
C TYR B 488 1.08 3.19 -1.33
#